data_1U3H
#
_entry.id   1U3H
#
_cell.length_a   87.835
_cell.length_b   327.162
_cell.length_c   127.161
_cell.angle_alpha   90.00
_cell.angle_beta   90.00
_cell.angle_gamma   90.00
#
_symmetry.space_group_name_H-M   'C 2 2 21'
#
loop_
_entity.id
_entity.type
_entity.pdbx_description
1 polymer 'T-cell receptor alpha-chain'
2 polymer 'Mouse TCRVbeta 172.10, extracellular variable domain'
3 polymer 'H-2 class II histocompatibility antigen, A-U alpha chain'
4 polymer 'H-2 class II histocompatibility antigen, A-U beta chain'
5 polymer 'Myelin basic protein (MBP)-peptide'
6 water water
#
loop_
_entity_poly.entity_id
_entity_poly.type
_entity_poly.pdbx_seq_one_letter_code
_entity_poly.pdbx_strand_id
1 'polypeptide(L)'
;QVRQSPQSLTVWEGETAILNCSYENSAFDYFPWYQQFPGEGPALLISILSVSDKKEDGRFTIFFNKREKKLSLHIADSQP
GDSATYFCAASANSGTYQRFGTGTKLQVVP
;
A,E
2 'polypeptide(L)'
;AVTQSPRNKVAVTGEKVTLSCNQTNNHNNMYWYRQDTGHGLRLIYYSYGAGSTEKGDIPDGYKASRPSQENFSLTLESAT
PSQTSVYFCASGDAGGGYEQYFGPGTRLTVL
;
B,F
3 'polypeptide(L)'
;IEADHVGSYGIVVYQSPGDIGQYTFEFDGDELFYVDLDKKETIWMLPEFAQLRSFDPQGGLQNIATGKHNLGVLTKRSNS
TPATNEAPQATVFPKSPVLLGQPNTLICFVDNIFPPVINITWLRNSKSVADGVYETSFFVNRDYSFHKLSYLTFIPSDDD
IYDCKVEHWGLEEPVLKHWEPE
;
C,G
4 'polypeptide(L)'
;GDSERHFVVQFQPFCYFTNGTQRIRYVTRYIYNREEYLRFDSDVGEYRAVTELGRPDAEYYNKQYLERTRAELDTVCRYN
YEETEVPTSLRRLEQPNVVISLSRTEALNHHNTLVCSVTDFYPAKIKVRWFRNGQEETVGVSSTQLIRNGDWTFQVLVML
EMTPRRGEVYTCHVEHPSLKSPITVEWRA
;
D,H
5 'polypeptide(L)' SRGGASQYRPSQ P,I
#
# COMPACT_ATOMS: atom_id res chain seq x y z
N GLN A 1 -21.65 -5.28 -21.36
CA GLN A 1 -21.04 -5.62 -22.68
C GLN A 1 -21.95 -5.23 -23.86
N VAL A 2 -21.33 -5.05 -25.02
CA VAL A 2 -22.03 -4.67 -26.26
C VAL A 2 -21.83 -5.72 -27.36
N ARG A 3 -22.88 -5.94 -28.15
CA ARG A 3 -22.83 -6.94 -29.23
C ARG A 3 -23.35 -6.39 -30.57
N GLN A 4 -22.65 -6.68 -31.65
CA GLN A 4 -23.06 -6.23 -32.98
C GLN A 4 -23.35 -7.42 -33.88
N SER A 5 -24.64 -7.64 -34.15
CA SER A 5 -25.12 -8.75 -34.96
C SER A 5 -24.42 -9.03 -36.28
N PRO A 6 -24.50 -8.11 -37.25
CA PRO A 6 -23.84 -8.35 -38.55
C PRO A 6 -22.33 -8.51 -38.45
N GLN A 7 -21.85 -9.74 -38.35
CA GLN A 7 -20.41 -9.99 -38.24
C GLN A 7 -19.68 -9.33 -39.41
N SER A 8 -20.40 -9.20 -40.53
CA SER A 8 -19.84 -8.57 -41.72
C SER A 8 -20.98 -8.35 -42.71
N LEU A 9 -20.95 -7.25 -43.46
CA LEU A 9 -22.01 -6.95 -44.42
C LEU A 9 -21.57 -6.22 -45.69
N THR A 10 -22.15 -6.64 -46.80
CA THR A 10 -21.87 -6.06 -48.11
C THR A 10 -23.18 -5.72 -48.82
N VAL A 11 -23.30 -4.49 -49.30
CA VAL A 11 -24.51 -4.05 -50.00
C VAL A 11 -24.13 -3.14 -51.18
N TRP A 12 -24.90 -3.22 -52.25
CA TRP A 12 -24.64 -2.41 -53.44
C TRP A 12 -25.17 -0.99 -53.35
N GLU A 13 -24.29 -0.03 -53.63
CA GLU A 13 -24.59 1.39 -53.60
C GLU A 13 -26.04 1.77 -53.89
N GLY A 14 -26.65 2.51 -52.97
CA GLY A 14 -28.03 2.94 -53.15
C GLY A 14 -29.09 2.26 -52.28
N GLU A 15 -28.82 1.04 -51.81
CA GLU A 15 -29.78 0.32 -50.98
C GLU A 15 -29.77 0.87 -49.55
N THR A 16 -30.29 0.08 -48.62
CA THR A 16 -30.33 0.49 -47.22
C THR A 16 -29.57 -0.50 -46.34
N ALA A 17 -28.46 -0.04 -45.76
CA ALA A 17 -27.65 -0.89 -44.89
C ALA A 17 -28.12 -0.81 -43.44
N ILE A 18 -28.54 -1.94 -42.90
CA ILE A 18 -29.00 -2.02 -41.52
C ILE A 18 -27.96 -2.72 -40.67
N LEU A 19 -27.55 -2.06 -39.57
CA LEU A 19 -26.59 -2.65 -38.66
C LEU A 19 -27.30 -2.93 -37.34
N ASN A 20 -26.86 -3.96 -36.63
CA ASN A 20 -27.52 -4.29 -35.37
C ASN A 20 -26.58 -4.23 -34.18
N CYS A 21 -27.17 -3.98 -33.02
CA CYS A 21 -26.43 -3.87 -31.77
C CYS A 21 -27.32 -4.26 -30.60
N SER A 22 -26.70 -4.79 -29.55
CA SER A 22 -27.46 -5.19 -28.36
C SER A 22 -26.54 -5.15 -27.14
N TYR A 23 -27.15 -4.99 -25.98
CA TYR A 23 -26.43 -4.91 -24.71
C TYR A 23 -27.37 -5.45 -23.65
N GLU A 24 -26.88 -5.70 -22.45
CA GLU A 24 -27.76 -6.17 -21.39
C GLU A 24 -27.42 -5.60 -20.02
N ASN A 25 -27.29 -4.27 -20.01
CA ASN A 25 -27.01 -3.49 -18.82
C ASN A 25 -27.98 -2.32 -18.93
N SER A 26 -29.18 -2.52 -18.37
CA SER A 26 -30.21 -1.49 -18.42
C SER A 26 -29.76 -0.12 -17.93
N ALA A 27 -28.57 -0.06 -17.35
CA ALA A 27 -28.05 1.21 -16.86
C ALA A 27 -27.43 2.02 -18.01
N PHE A 28 -27.24 1.38 -19.16
CA PHE A 28 -26.68 2.08 -20.31
C PHE A 28 -27.67 3.16 -20.78
N ASP A 29 -27.20 4.37 -20.97
CA ASP A 29 -28.08 5.47 -21.35
C ASP A 29 -27.60 6.26 -22.57
N TYR A 30 -26.35 6.06 -22.94
CA TYR A 30 -25.77 6.76 -24.08
C TYR A 30 -25.09 5.77 -25.00
N PHE A 31 -25.40 5.86 -26.30
CA PHE A 31 -24.84 4.96 -27.29
C PHE A 31 -24.31 5.69 -28.53
N PRO A 32 -22.98 5.87 -28.62
CA PRO A 32 -22.42 6.55 -29.78
C PRO A 32 -21.84 5.56 -30.78
N TRP A 33 -22.10 5.77 -32.07
CA TRP A 33 -21.55 4.90 -33.10
C TRP A 33 -20.35 5.56 -33.73
N TYR A 34 -19.24 4.83 -33.79
CA TYR A 34 -18.02 5.37 -34.39
C TYR A 34 -17.79 4.75 -35.76
N GLN A 35 -17.17 5.52 -36.64
CA GLN A 35 -16.87 5.07 -37.99
C GLN A 35 -15.37 5.08 -38.19
N GLN A 36 -14.81 3.93 -38.57
CA GLN A 36 -13.38 3.85 -38.79
C GLN A 36 -12.98 3.42 -40.19
N PHE A 37 -12.26 4.31 -40.88
CA PHE A 37 -11.78 4.05 -42.24
C PHE A 37 -10.39 3.45 -42.10
N PRO A 38 -10.07 2.45 -42.94
CA PRO A 38 -8.75 1.83 -42.85
C PRO A 38 -7.62 2.86 -42.88
N GLY A 39 -6.70 2.73 -41.94
CA GLY A 39 -5.56 3.65 -41.87
C GLY A 39 -5.61 4.67 -40.76
N GLU A 40 -6.81 5.01 -40.32
CA GLU A 40 -6.97 5.99 -39.27
C GLU A 40 -7.74 5.42 -38.10
N GLY A 41 -7.87 6.20 -37.04
CA GLY A 41 -8.59 5.74 -35.87
C GLY A 41 -10.09 5.91 -36.07
N PRO A 42 -10.90 5.44 -35.10
CA PRO A 42 -12.36 5.56 -35.22
C PRO A 42 -12.81 7.00 -35.00
N ALA A 43 -14.03 7.32 -35.43
CA ALA A 43 -14.56 8.67 -35.25
C ALA A 43 -16.06 8.63 -35.04
N LEU A 44 -16.54 9.51 -34.16
CA LEU A 44 -17.97 9.57 -33.84
C LEU A 44 -18.83 10.01 -35.02
N LEU A 45 -19.79 9.16 -35.40
CA LEU A 45 -20.71 9.47 -36.50
C LEU A 45 -22.03 10.01 -35.95
N ILE A 46 -22.79 9.15 -35.27
CA ILE A 46 -24.07 9.53 -34.69
C ILE A 46 -24.26 8.93 -33.30
N SER A 47 -24.81 9.71 -32.37
CA SER A 47 -25.04 9.25 -31.01
C SER A 47 -26.48 9.49 -30.55
N ILE A 48 -26.99 8.58 -29.72
CA ILE A 48 -28.36 8.72 -29.21
C ILE A 48 -28.45 8.48 -27.70
N LEU A 49 -29.50 9.03 -27.08
CA LEU A 49 -29.77 8.87 -25.65
C LEU A 49 -30.92 7.90 -25.48
N SER A 50 -30.91 7.15 -24.38
CA SER A 50 -31.97 6.19 -24.12
C SER A 50 -33.33 6.86 -24.01
N VAL A 51 -33.33 8.18 -23.83
CA VAL A 51 -34.56 8.95 -23.70
C VAL A 51 -35.44 8.79 -24.92
N SER A 52 -34.87 9.00 -26.10
CA SER A 52 -35.61 8.90 -27.35
C SER A 52 -35.56 7.47 -27.87
N ASP A 53 -36.11 7.27 -29.06
CA ASP A 53 -36.15 5.96 -29.69
C ASP A 53 -35.72 6.07 -31.15
N LYS A 54 -35.28 7.26 -31.53
CA LYS A 54 -34.85 7.50 -32.91
C LYS A 54 -33.98 8.75 -33.00
N LYS A 55 -33.09 8.78 -33.98
CA LYS A 55 -32.20 9.90 -34.17
C LYS A 55 -31.76 9.89 -35.64
N GLU A 56 -31.98 11.00 -36.33
CA GLU A 56 -31.61 11.10 -37.74
C GLU A 56 -30.60 12.21 -38.01
N ASP A 57 -29.82 12.01 -39.07
CA ASP A 57 -28.83 12.99 -39.50
C ASP A 57 -28.24 12.53 -40.83
N GLY A 58 -28.92 12.92 -41.91
CA GLY A 58 -28.50 12.53 -43.24
C GLY A 58 -29.11 11.17 -43.53
N ARG A 59 -28.32 10.29 -44.14
CA ARG A 59 -28.80 8.95 -44.46
C ARG A 59 -28.81 8.14 -43.17
N PHE A 60 -28.04 8.58 -42.19
CA PHE A 60 -27.90 7.89 -40.90
C PHE A 60 -29.01 8.08 -39.87
N THR A 61 -29.57 6.95 -39.45
CA THR A 61 -30.65 6.92 -38.47
C THR A 61 -30.50 5.78 -37.46
N ILE A 62 -30.46 6.12 -36.17
CA ILE A 62 -30.35 5.09 -35.14
C ILE A 62 -31.74 4.72 -34.64
N PHE A 63 -32.01 3.43 -34.53
CA PHE A 63 -33.29 2.95 -34.04
C PHE A 63 -33.05 2.31 -32.67
N PHE A 64 -33.37 3.05 -31.61
CA PHE A 64 -33.17 2.55 -30.24
C PHE A 64 -34.44 1.94 -29.62
N ASN A 65 -34.34 0.67 -29.24
CA ASN A 65 -35.46 -0.05 -28.63
C ASN A 65 -35.16 -0.31 -27.15
N LYS A 66 -35.50 0.67 -26.32
CA LYS A 66 -35.28 0.59 -24.87
C LYS A 66 -35.32 -0.82 -24.29
N ARG A 67 -36.49 -1.45 -24.30
CA ARG A 67 -36.61 -2.81 -23.78
C ARG A 67 -36.07 -3.79 -24.82
N GLU A 68 -35.75 -5.00 -24.40
CA GLU A 68 -35.18 -5.99 -25.30
C GLU A 68 -33.73 -5.58 -25.58
N LYS A 69 -33.37 -4.40 -25.08
CA LYS A 69 -32.03 -3.84 -25.22
C LYS A 69 -31.43 -4.02 -26.61
N LYS A 70 -32.21 -3.69 -27.62
CA LYS A 70 -31.79 -3.79 -29.02
C LYS A 70 -31.45 -2.37 -29.49
N LEU A 71 -30.83 -2.27 -30.66
CA LEU A 71 -30.42 -0.97 -31.20
C LEU A 71 -29.93 -1.24 -32.61
N SER A 72 -30.17 -0.32 -33.54
CA SER A 72 -29.71 -0.51 -34.91
C SER A 72 -29.46 0.79 -35.67
N LEU A 73 -28.43 0.78 -36.51
CA LEU A 73 -28.06 1.94 -37.32
C LEU A 73 -28.39 1.72 -38.80
N HIS A 74 -29.38 2.46 -39.32
CA HIS A 74 -29.80 2.33 -40.72
C HIS A 74 -29.17 3.38 -41.63
N ILE A 75 -28.48 2.93 -42.67
CA ILE A 75 -27.87 3.84 -43.62
C ILE A 75 -28.65 3.76 -44.93
N ALA A 76 -29.68 4.59 -45.04
CA ALA A 76 -30.51 4.63 -46.23
C ALA A 76 -29.73 5.16 -47.40
N ASP A 77 -30.07 4.68 -48.60
CA ASP A 77 -29.39 5.11 -49.80
C ASP A 77 -27.89 4.95 -49.61
N SER A 78 -27.44 3.69 -49.60
CA SER A 78 -26.04 3.36 -49.42
C SER A 78 -25.15 4.20 -50.33
N GLN A 79 -23.84 4.04 -50.20
CA GLN A 79 -22.94 4.81 -51.02
C GLN A 79 -21.46 4.52 -50.74
N PRO A 80 -20.70 4.20 -51.80
CA PRO A 80 -19.27 3.90 -51.61
C PRO A 80 -18.59 5.15 -51.04
N GLY A 81 -18.08 5.01 -49.83
CA GLY A 81 -17.45 6.14 -49.16
C GLY A 81 -17.91 5.98 -47.73
N ASP A 82 -18.97 5.20 -47.57
CA ASP A 82 -19.52 4.91 -46.27
C ASP A 82 -18.98 3.52 -45.88
N SER A 83 -18.06 2.98 -46.68
CA SER A 83 -17.55 1.63 -46.45
C SER A 83 -16.52 1.22 -45.42
N ALA A 84 -16.43 1.79 -44.23
CA ALA A 84 -15.39 1.22 -43.36
C ALA A 84 -16.04 0.27 -42.34
N THR A 85 -15.45 0.20 -41.14
CA THR A 85 -15.92 -0.61 -40.02
C THR A 85 -16.65 0.34 -39.08
N TYR A 86 -17.84 -0.05 -38.65
CA TYR A 86 -18.65 0.77 -37.76
C TYR A 86 -18.65 0.18 -36.35
N PHE A 87 -18.61 1.04 -35.35
CA PHE A 87 -18.59 0.57 -33.96
C PHE A 87 -19.74 1.08 -33.11
N CYS A 88 -20.41 0.16 -32.43
CA CYS A 88 -21.51 0.49 -31.54
C CYS A 88 -20.98 0.48 -30.11
N ALA A 89 -21.05 1.63 -29.44
CA ALA A 89 -20.57 1.75 -28.08
C ALA A 89 -21.69 2.05 -27.09
N ALA A 90 -21.34 2.16 -25.80
CA ALA A 90 -22.33 2.47 -24.78
C ALA A 90 -21.70 2.78 -23.44
N SER A 91 -22.36 3.65 -22.68
CA SER A 91 -21.89 4.04 -21.35
C SER A 91 -23.08 4.08 -20.39
N ALA A 92 -22.82 3.93 -19.09
CA ALA A 92 -23.87 3.89 -18.07
C ALA A 92 -24.31 5.24 -17.50
N ASN A 93 -25.41 5.23 -16.72
CA ASN A 93 -25.98 6.43 -16.08
C ASN A 93 -25.05 7.01 -15.01
N SER A 94 -24.07 6.20 -14.59
CA SER A 94 -23.03 6.69 -13.71
C SER A 94 -22.20 7.35 -14.80
N GLY A 95 -21.05 7.92 -14.49
CA GLY A 95 -20.31 8.53 -15.59
C GLY A 95 -19.20 7.66 -16.16
N THR A 96 -19.30 6.35 -15.99
CA THR A 96 -18.24 5.45 -16.45
C THR A 96 -17.91 5.43 -17.95
N TYR A 97 -16.72 4.92 -18.26
CA TYR A 97 -16.20 4.84 -19.63
C TYR A 97 -17.05 4.06 -20.63
N GLN A 98 -16.88 4.42 -21.91
CA GLN A 98 -17.58 3.78 -23.02
C GLN A 98 -17.05 2.38 -23.25
N ARG A 99 -17.92 1.49 -23.70
CA ARG A 99 -17.55 0.12 -23.98
C ARG A 99 -18.01 -0.20 -25.39
N PHE A 100 -17.05 -0.44 -26.28
CA PHE A 100 -17.38 -0.72 -27.69
C PHE A 100 -17.76 -2.18 -27.96
N GLY A 101 -17.99 -2.49 -29.23
CA GLY A 101 -18.35 -3.85 -29.59
C GLY A 101 -17.43 -4.47 -30.62
N THR A 102 -17.83 -5.62 -31.13
CA THR A 102 -17.07 -6.36 -32.15
C THR A 102 -16.80 -5.43 -33.35
N GLY A 103 -17.87 -4.80 -33.83
CA GLY A 103 -17.75 -3.91 -34.96
C GLY A 103 -18.04 -4.58 -36.28
N THR A 104 -18.99 -4.02 -37.02
CA THR A 104 -19.39 -4.56 -38.32
C THR A 104 -18.62 -3.84 -39.43
N LYS A 105 -18.12 -4.61 -40.40
CA LYS A 105 -17.40 -4.03 -41.53
C LYS A 105 -18.39 -3.93 -42.68
N LEU A 106 -18.54 -2.73 -43.22
CA LEU A 106 -19.46 -2.50 -44.33
C LEU A 106 -18.74 -2.20 -45.64
N GLN A 107 -19.16 -2.90 -46.68
CA GLN A 107 -18.58 -2.70 -48.01
C GLN A 107 -19.72 -2.28 -48.94
N VAL A 108 -19.57 -1.11 -49.56
CA VAL A 108 -20.57 -0.60 -50.48
C VAL A 108 -20.05 -0.74 -51.92
N VAL A 109 -20.70 -1.61 -52.69
CA VAL A 109 -20.31 -1.84 -54.08
C VAL A 109 -20.86 -0.76 -55.00
N PRO A 110 -19.98 -0.02 -55.69
CA PRO A 110 -20.42 1.04 -56.59
C PRO A 110 -21.35 0.53 -57.71
N ALA B 1 -7.12 15.84 -33.28
CA ALA B 1 -5.71 16.31 -33.22
C ALA B 1 -4.94 15.59 -32.12
N VAL B 2 -4.88 14.26 -32.21
CA VAL B 2 -4.19 13.42 -31.24
C VAL B 2 -2.97 12.72 -31.86
N THR B 3 -1.82 12.78 -31.18
CA THR B 3 -0.59 12.18 -31.69
C THR B 3 -0.08 11.01 -30.83
N GLN B 4 0.61 10.07 -31.47
CA GLN B 4 1.17 8.89 -30.81
C GLN B 4 2.63 8.68 -31.25
N SER B 5 3.54 8.45 -30.29
CA SER B 5 5.00 8.27 -30.53
C SER B 5 5.45 7.18 -31.55
N PRO B 6 5.44 5.88 -31.19
CA PRO B 6 5.82 4.97 -32.26
C PRO B 6 4.65 4.85 -33.23
N ARG B 7 4.76 5.24 -34.48
CA ARG B 7 3.56 5.03 -35.30
C ARG B 7 3.58 3.57 -35.76
N ASN B 8 4.74 2.94 -35.53
CA ASN B 8 4.99 1.56 -35.90
C ASN B 8 6.28 1.17 -35.19
N LYS B 9 6.23 0.08 -34.42
CA LYS B 9 7.39 -0.39 -33.67
C LYS B 9 7.47 -1.91 -33.61
N VAL B 10 8.68 -2.43 -33.72
CA VAL B 10 8.91 -3.87 -33.67
C VAL B 10 9.96 -4.17 -32.61
N ALA B 11 9.54 -4.89 -31.56
CA ALA B 11 10.43 -5.24 -30.46
C ALA B 11 10.49 -6.74 -30.28
N VAL B 12 11.22 -7.18 -29.27
CA VAL B 12 11.38 -8.61 -29.00
C VAL B 12 10.80 -8.95 -27.64
N THR B 13 10.36 -10.20 -27.49
CA THR B 13 9.81 -10.67 -26.23
C THR B 13 10.73 -10.30 -25.09
N GLY B 14 10.17 -9.74 -24.02
CA GLY B 14 10.96 -9.35 -22.88
C GLY B 14 11.35 -7.87 -22.90
N GLU B 15 11.40 -7.28 -24.08
CA GLU B 15 11.77 -5.87 -24.21
C GLU B 15 10.76 -4.97 -23.51
N LYS B 16 11.22 -3.79 -23.08
CA LYS B 16 10.34 -2.84 -22.39
C LYS B 16 9.80 -1.79 -23.35
N VAL B 17 8.74 -2.12 -24.07
CA VAL B 17 8.14 -1.19 -25.04
C VAL B 17 7.32 -0.11 -24.35
N THR B 18 7.38 1.10 -24.90
CA THR B 18 6.65 2.24 -24.34
C THR B 18 6.05 3.16 -25.42
N LEU B 19 4.77 2.98 -25.70
CA LEU B 19 4.09 3.82 -26.69
C LEU B 19 3.62 5.04 -25.92
N SER B 20 3.75 6.23 -26.51
CA SER B 20 3.30 7.43 -25.82
C SER B 20 2.30 8.24 -26.64
N CYS B 21 1.52 9.07 -25.96
CA CYS B 21 0.50 9.86 -26.62
C CYS B 21 0.54 11.33 -26.25
N ASN B 22 -0.08 12.15 -27.10
CA ASN B 22 -0.14 13.58 -26.89
C ASN B 22 -1.46 14.12 -27.45
N GLN B 23 -2.10 15.01 -26.69
CA GLN B 23 -3.37 15.60 -27.12
C GLN B 23 -3.39 17.08 -26.78
N THR B 24 -3.70 17.89 -27.79
CA THR B 24 -3.76 19.33 -27.63
C THR B 24 -5.17 19.80 -27.33
N ASN B 25 -6.14 18.91 -27.54
CA ASN B 25 -7.53 19.25 -27.31
C ASN B 25 -7.80 19.75 -25.90
N ASN B 26 -6.79 19.63 -25.03
CA ASN B 26 -6.94 20.08 -23.66
C ASN B 26 -8.12 19.36 -23.00
N HIS B 27 -8.18 18.04 -23.21
CA HIS B 27 -9.23 17.22 -22.62
C HIS B 27 -8.74 16.69 -21.25
N ASN B 28 -9.70 16.37 -20.38
CA ASN B 28 -9.34 15.85 -19.06
C ASN B 28 -9.08 14.35 -19.10
N ASN B 29 -9.88 13.64 -19.89
CA ASN B 29 -9.77 12.20 -20.02
C ASN B 29 -8.89 11.73 -21.18
N MET B 30 -8.16 10.64 -20.94
CA MET B 30 -7.29 10.04 -21.95
C MET B 30 -7.37 8.51 -21.83
N TYR B 31 -7.37 7.85 -22.97
CA TYR B 31 -7.50 6.39 -22.99
C TYR B 31 -6.49 5.66 -23.90
N TRP B 32 -6.25 4.40 -23.57
CA TRP B 32 -5.37 3.54 -24.36
C TRP B 32 -6.15 2.28 -24.70
N TYR B 33 -6.30 2.02 -25.99
CA TYR B 33 -7.02 0.85 -26.48
C TYR B 33 -6.08 -0.05 -27.28
N ARG B 34 -6.65 -1.11 -27.85
CA ARG B 34 -5.92 -2.03 -28.70
C ARG B 34 -6.96 -2.72 -29.54
N GLN B 35 -6.79 -2.69 -30.85
CA GLN B 35 -7.76 -3.31 -31.75
C GLN B 35 -7.29 -4.70 -32.17
N ASP B 36 -8.19 -5.67 -32.08
CA ASP B 36 -7.87 -7.04 -32.44
C ASP B 36 -9.06 -7.71 -33.07
N THR B 37 -8.80 -8.41 -34.16
CA THR B 37 -9.84 -9.13 -34.87
C THR B 37 -10.60 -9.99 -33.88
N GLY B 38 -11.88 -9.71 -33.71
CA GLY B 38 -12.69 -10.47 -32.78
C GLY B 38 -12.95 -9.79 -31.44
N HIS B 39 -12.38 -8.62 -31.23
CA HIS B 39 -12.58 -7.91 -29.98
C HIS B 39 -12.83 -6.43 -30.20
N GLY B 40 -12.63 -5.98 -31.43
CA GLY B 40 -12.82 -4.56 -31.72
C GLY B 40 -11.89 -3.76 -30.84
N LEU B 41 -12.44 -2.73 -30.19
CA LEU B 41 -11.65 -1.89 -29.29
C LEU B 41 -11.82 -2.35 -27.84
N ARG B 42 -10.70 -2.46 -27.13
CA ARG B 42 -10.70 -2.86 -25.73
C ARG B 42 -9.87 -1.87 -24.93
N LEU B 43 -10.51 -1.24 -23.96
CA LEU B 43 -9.84 -0.24 -23.13
C LEU B 43 -8.83 -0.94 -22.25
N ILE B 44 -7.64 -0.36 -22.15
CA ILE B 44 -6.57 -0.94 -21.34
C ILE B 44 -6.34 -0.13 -20.08
N TYR B 45 -6.08 1.15 -20.26
CA TYR B 45 -5.88 2.07 -19.16
C TYR B 45 -6.37 3.45 -19.57
N TYR B 46 -6.82 4.23 -18.60
CA TYR B 46 -7.31 5.56 -18.89
C TYR B 46 -6.98 6.48 -17.75
N SER B 47 -7.25 7.77 -17.92
CA SER B 47 -6.94 8.73 -16.87
C SER B 47 -7.92 9.89 -16.78
N TYR B 48 -8.11 10.38 -15.56
CA TYR B 48 -8.97 11.52 -15.34
C TYR B 48 -8.03 12.73 -15.48
N GLY B 49 -6.80 12.37 -15.85
CA GLY B 49 -5.68 13.24 -16.17
C GLY B 49 -4.98 14.22 -15.28
N ALA B 50 -4.22 13.78 -14.30
CA ALA B 50 -3.52 14.82 -13.54
C ALA B 50 -2.17 14.21 -13.52
N GLY B 51 -2.31 13.14 -12.72
CA GLY B 51 -1.44 12.07 -12.27
C GLY B 51 -2.42 10.93 -11.83
N SER B 52 -3.46 10.74 -12.66
CA SER B 52 -4.53 9.73 -12.51
C SER B 52 -4.27 8.54 -13.46
N THR B 53 -4.75 7.37 -13.07
CA THR B 53 -4.55 6.15 -13.82
C THR B 53 -5.60 5.15 -13.33
N GLU B 54 -6.35 4.58 -14.27
CA GLU B 54 -7.39 3.60 -13.91
C GLU B 54 -7.37 2.42 -14.88
N LYS B 55 -7.67 1.23 -14.37
CA LYS B 55 -7.65 0.04 -15.20
C LYS B 55 -8.87 -0.09 -16.09
N GLY B 56 -8.65 -0.49 -17.34
CA GLY B 56 -9.75 -0.65 -18.26
C GLY B 56 -10.29 -2.06 -18.21
N ASP B 57 -10.54 -2.65 -19.37
CA ASP B 57 -11.05 -4.02 -19.42
C ASP B 57 -9.92 -5.04 -19.32
N ILE B 58 -8.81 -4.80 -20.02
CA ILE B 58 -7.64 -5.68 -20.01
C ILE B 58 -6.35 -4.94 -19.67
N PRO B 59 -6.09 -4.69 -18.37
CA PRO B 59 -4.90 -3.98 -17.93
C PRO B 59 -3.66 -4.84 -17.62
N ASP B 60 -3.85 -6.15 -17.56
CA ASP B 60 -2.74 -7.06 -17.25
C ASP B 60 -1.57 -6.98 -18.21
N GLY B 61 -0.37 -6.90 -17.65
CA GLY B 61 0.82 -6.79 -18.48
C GLY B 61 1.09 -5.35 -18.85
N TYR B 62 0.15 -4.46 -18.56
CA TYR B 62 0.33 -3.06 -18.87
C TYR B 62 0.34 -2.14 -17.66
N LYS B 63 0.77 -0.92 -17.90
CA LYS B 63 0.83 0.13 -16.90
C LYS B 63 0.84 1.44 -17.69
N ALA B 64 0.01 2.38 -17.26
CA ALA B 64 -0.05 3.67 -17.95
C ALA B 64 0.50 4.75 -17.04
N SER B 65 0.75 5.92 -17.64
CA SER B 65 1.28 7.04 -16.88
C SER B 65 0.86 8.36 -17.51
N ARG B 66 0.19 9.20 -16.72
CA ARG B 66 -0.28 10.49 -17.20
C ARG B 66 0.45 11.58 -16.40
N PRO B 67 1.67 11.94 -16.83
CA PRO B 67 2.50 12.96 -16.19
C PRO B 67 2.03 14.40 -16.38
N SER B 68 1.08 14.60 -17.29
CA SER B 68 0.56 15.94 -17.56
C SER B 68 -0.70 15.88 -18.42
N GLN B 69 -1.47 16.96 -18.36
CA GLN B 69 -2.72 17.07 -19.12
C GLN B 69 -2.72 16.50 -20.53
N GLU B 70 -1.63 16.69 -21.25
CA GLU B 70 -1.56 16.24 -22.65
C GLU B 70 -0.74 14.99 -22.91
N ASN B 71 -0.11 14.44 -21.88
CA ASN B 71 0.70 13.25 -22.07
C ASN B 71 0.23 12.00 -21.33
N PHE B 72 -0.06 10.97 -22.09
CA PHE B 72 -0.52 9.69 -21.55
C PHE B 72 0.27 8.60 -22.28
N SER B 73 1.01 7.81 -21.52
CA SER B 73 1.84 6.74 -22.08
C SER B 73 1.46 5.33 -21.62
N LEU B 74 1.65 4.36 -22.50
CA LEU B 74 1.36 2.96 -22.19
C LEU B 74 2.71 2.24 -22.12
N THR B 75 2.88 1.38 -21.12
CA THR B 75 4.15 0.68 -20.94
C THR B 75 4.06 -0.82 -20.68
N LEU B 76 4.83 -1.58 -21.44
CA LEU B 76 4.90 -3.04 -21.29
C LEU B 76 6.30 -3.32 -20.76
N GLU B 77 6.40 -3.73 -19.49
CA GLU B 77 7.71 -3.98 -18.90
C GLU B 77 8.32 -5.33 -19.24
N SER B 78 7.66 -6.07 -20.13
CA SER B 78 8.14 -7.37 -20.55
C SER B 78 7.25 -7.87 -21.70
N ALA B 79 7.40 -7.25 -22.86
CA ALA B 79 6.63 -7.59 -24.04
C ALA B 79 6.27 -9.08 -24.16
N THR B 80 5.12 -9.34 -24.77
CA THR B 80 4.62 -10.70 -24.94
C THR B 80 3.98 -10.84 -26.32
N PRO B 81 4.06 -12.03 -26.92
CA PRO B 81 3.44 -12.13 -28.24
C PRO B 81 1.95 -11.77 -28.22
N SER B 82 1.30 -12.03 -27.09
CA SER B 82 -0.12 -11.73 -26.95
C SER B 82 -0.39 -10.24 -27.01
N GLN B 83 0.67 -9.45 -26.98
CA GLN B 83 0.53 -8.00 -27.02
C GLN B 83 0.83 -7.42 -28.41
N THR B 84 0.76 -8.26 -29.43
CA THR B 84 1.02 -7.83 -30.82
C THR B 84 -0.21 -7.26 -31.49
N SER B 85 -0.39 -5.94 -31.45
CA SER B 85 -1.61 -5.40 -32.01
C SER B 85 -1.48 -3.96 -32.49
N VAL B 86 -2.62 -3.30 -32.64
CA VAL B 86 -2.67 -1.90 -33.05
C VAL B 86 -3.22 -1.10 -31.88
N TYR B 87 -2.39 -0.25 -31.30
CA TYR B 87 -2.79 0.54 -30.16
C TYR B 87 -3.35 1.92 -30.51
N PHE B 88 -4.55 2.19 -30.02
CA PHE B 88 -5.25 3.45 -30.26
C PHE B 88 -5.37 4.29 -28.99
N CYS B 89 -4.78 5.48 -29.04
CA CYS B 89 -4.84 6.42 -27.93
C CYS B 89 -6.07 7.29 -28.16
N ALA B 90 -6.60 7.90 -27.10
CA ALA B 90 -7.78 8.75 -27.24
C ALA B 90 -7.92 9.79 -26.13
N SER B 91 -8.72 10.82 -26.39
CA SER B 91 -8.95 11.86 -25.40
C SER B 91 -10.37 12.39 -25.50
N GLY B 92 -10.91 12.83 -24.37
CA GLY B 92 -12.26 13.35 -24.34
C GLY B 92 -12.57 14.13 -23.08
N ASP B 93 -13.81 14.59 -22.98
CA ASP B 93 -14.22 15.36 -21.82
C ASP B 93 -14.30 14.46 -20.59
N ALA B 94 -14.27 15.03 -19.39
CA ALA B 94 -14.42 14.22 -18.16
C ALA B 94 -15.77 13.55 -18.37
N GLY B 95 -15.84 12.24 -18.26
CA GLY B 95 -17.13 11.65 -18.47
C GLY B 95 -17.04 10.36 -19.23
N GLY B 96 -18.13 10.01 -19.89
CA GLY B 96 -18.18 8.77 -20.62
C GLY B 96 -19.30 8.93 -21.61
N GLY B 97 -20.15 9.91 -21.33
CA GLY B 97 -21.27 10.19 -22.22
C GLY B 97 -20.82 11.27 -23.18
N TYR B 98 -19.50 11.42 -23.27
CA TYR B 98 -18.88 12.40 -24.15
C TYR B 98 -18.14 11.71 -25.29
N GLU B 99 -18.06 12.41 -26.43
CA GLU B 99 -17.38 11.89 -27.61
C GLU B 99 -15.90 11.69 -27.32
N GLN B 100 -15.34 10.63 -27.87
CA GLN B 100 -13.92 10.36 -27.67
C GLN B 100 -13.16 10.55 -28.98
N TYR B 101 -12.03 11.25 -28.88
CA TYR B 101 -11.20 11.55 -30.04
C TYR B 101 -9.99 10.62 -30.09
N PHE B 102 -9.87 9.89 -31.20
CA PHE B 102 -8.78 8.92 -31.40
C PHE B 102 -7.57 9.39 -32.22
N GLY B 103 -6.44 8.74 -31.99
CA GLY B 103 -5.23 9.05 -32.72
C GLY B 103 -5.20 8.21 -33.99
N PRO B 104 -4.06 8.16 -34.70
CA PRO B 104 -3.94 7.38 -35.93
C PRO B 104 -3.88 5.88 -35.66
N GLY B 105 -3.13 5.52 -34.63
CA GLY B 105 -2.97 4.12 -34.27
C GLY B 105 -1.49 3.79 -34.14
N THR B 106 -1.19 2.53 -33.88
CA THR B 106 0.18 2.09 -33.74
C THR B 106 0.25 0.58 -33.80
N ARG B 107 0.94 0.04 -34.79
CA ARG B 107 1.08 -1.40 -34.93
C ARG B 107 2.32 -1.82 -34.17
N LEU B 108 2.21 -2.91 -33.41
CA LEU B 108 3.33 -3.41 -32.63
C LEU B 108 3.50 -4.91 -32.82
N THR B 109 4.75 -5.36 -32.93
CA THR B 109 5.04 -6.78 -33.11
C THR B 109 6.20 -7.19 -32.19
N VAL B 110 6.04 -8.30 -31.47
CA VAL B 110 7.07 -8.76 -30.55
C VAL B 110 7.99 -9.89 -31.05
N LEU B 111 7.41 -10.91 -31.68
CA LEU B 111 8.19 -12.04 -32.21
C LEU B 111 8.73 -12.97 -31.13
N ILE C 1 -36.88 23.84 -2.41
CA ILE C 1 -38.02 23.15 -3.08
C ILE C 1 -38.65 22.13 -2.12
N GLU C 2 -39.79 21.56 -2.51
CA GLU C 2 -40.49 20.58 -1.69
C GLU C 2 -40.76 19.26 -2.43
N ALA C 3 -41.07 18.21 -1.66
CA ALA C 3 -41.37 16.89 -2.21
C ALA C 3 -41.76 15.88 -1.12
N ASP C 4 -41.91 14.62 -1.49
CA ASP C 4 -42.24 13.56 -0.53
C ASP C 4 -40.94 12.81 -0.29
N HIS C 5 -40.03 12.94 -1.25
CA HIS C 5 -38.72 12.28 -1.18
C HIS C 5 -37.72 13.12 -1.92
N VAL C 6 -36.48 13.09 -1.46
CA VAL C 6 -35.41 13.86 -2.09
C VAL C 6 -34.16 13.01 -2.24
N GLY C 7 -33.64 12.94 -3.46
CA GLY C 7 -32.45 12.16 -3.68
C GLY C 7 -31.31 13.02 -4.17
N SER C 8 -30.13 12.80 -3.62
CA SER C 8 -28.95 13.52 -4.08
C SER C 8 -27.96 12.46 -4.54
N TYR C 9 -27.92 12.23 -5.84
CA TYR C 9 -27.07 11.21 -6.43
C TYR C 9 -25.79 11.74 -7.07
N GLY C 10 -24.79 12.03 -6.24
CA GLY C 10 -23.53 12.52 -6.78
C GLY C 10 -23.02 13.81 -6.17
N ILE C 11 -23.25 14.01 -4.88
CA ILE C 11 -22.76 15.22 -4.24
C ILE C 11 -21.23 15.20 -4.26
N VAL C 12 -20.64 16.25 -4.82
CA VAL C 12 -19.18 16.34 -4.90
C VAL C 12 -18.64 17.52 -4.09
N VAL C 13 -17.64 17.27 -3.25
CA VAL C 13 -17.02 18.32 -2.44
C VAL C 13 -15.51 18.25 -2.60
N TYR C 14 -14.91 19.23 -3.29
CA TYR C 14 -13.46 19.22 -3.47
C TYR C 14 -12.81 20.50 -2.94
N GLN C 15 -11.83 20.35 -2.06
CA GLN C 15 -11.19 21.51 -1.48
C GLN C 15 -9.67 21.48 -1.47
N SER C 16 -9.07 22.66 -1.43
CA SER C 16 -7.62 22.83 -1.41
C SER C 16 -7.26 23.94 -0.42
N PRO C 17 -6.01 23.97 0.04
CA PRO C 17 -4.97 22.99 -0.33
C PRO C 17 -5.26 21.60 0.22
N GLY C 18 -4.52 20.61 -0.25
CA GLY C 18 -4.70 19.27 0.21
C GLY C 18 -5.46 18.37 -0.74
N ASP C 19 -6.12 18.96 -1.73
CA ASP C 19 -6.89 18.18 -2.68
C ASP C 19 -7.76 17.22 -1.90
N ILE C 20 -8.54 17.76 -0.99
CA ILE C 20 -9.43 16.98 -0.14
C ILE C 20 -10.77 16.86 -0.83
N GLY C 21 -11.28 15.64 -0.96
CA GLY C 21 -12.56 15.43 -1.61
C GLY C 21 -13.53 14.51 -0.92
N GLN C 22 -14.78 14.58 -1.35
CA GLN C 22 -15.85 13.74 -0.81
C GLN C 22 -16.94 13.52 -1.84
N TYR C 23 -17.32 12.26 -2.04
CA TYR C 23 -18.38 11.91 -2.98
C TYR C 23 -19.42 11.09 -2.22
N THR C 24 -20.66 11.56 -2.21
CA THR C 24 -21.73 10.87 -1.50
C THR C 24 -23.07 10.80 -2.24
N PHE C 25 -23.95 9.94 -1.74
CA PHE C 25 -25.30 9.74 -2.25
C PHE C 25 -26.21 9.87 -1.02
N GLU C 26 -27.18 10.78 -1.07
CA GLU C 26 -28.11 10.97 0.03
C GLU C 26 -29.53 10.69 -0.41
N PHE C 27 -30.36 10.24 0.52
CA PHE C 27 -31.76 10.03 0.22
C PHE C 27 -32.56 10.40 1.46
N ASP C 28 -33.45 11.37 1.30
CA ASP C 28 -34.27 11.84 2.41
C ASP C 28 -33.38 12.25 3.57
N GLY C 29 -32.29 12.92 3.24
CA GLY C 29 -31.36 13.41 4.24
C GLY C 29 -30.45 12.41 4.95
N ASP C 30 -30.43 11.17 4.51
CA ASP C 30 -29.58 10.17 5.13
C ASP C 30 -28.53 9.68 4.15
N GLU C 31 -27.38 9.28 4.67
CA GLU C 31 -26.28 8.81 3.84
C GLU C 31 -26.50 7.40 3.28
N LEU C 32 -26.56 7.30 1.95
CA LEU C 32 -26.69 5.99 1.29
C LEU C 32 -25.27 5.45 1.32
N PHE C 33 -24.34 6.28 0.86
CA PHE C 33 -22.95 5.86 0.85
C PHE C 33 -22.01 7.01 0.53
N TYR C 34 -20.72 6.70 0.60
CA TYR C 34 -19.67 7.63 0.23
C TYR C 34 -18.68 6.73 -0.48
N VAL C 35 -18.00 7.26 -1.49
CA VAL C 35 -17.02 6.47 -2.19
C VAL C 35 -15.65 6.70 -1.57
N ASP C 36 -15.01 5.63 -1.10
CA ASP C 36 -13.67 5.73 -0.52
C ASP C 36 -12.75 5.98 -1.72
N LEU C 37 -12.21 7.20 -1.81
CA LEU C 37 -11.37 7.58 -2.95
C LEU C 37 -10.00 6.93 -3.03
N ASP C 38 -9.55 6.30 -1.94
CA ASP C 38 -8.26 5.64 -1.94
C ASP C 38 -8.44 4.16 -2.24
N LYS C 39 -9.47 3.56 -1.64
CA LYS C 39 -9.75 2.16 -1.87
C LYS C 39 -10.49 1.99 -3.19
N LYS C 40 -11.09 3.11 -3.70
CA LYS C 40 -11.86 3.03 -4.93
C LYS C 40 -13.04 2.10 -4.65
N GLU C 41 -13.68 2.30 -3.51
CA GLU C 41 -14.77 1.42 -3.12
C GLU C 41 -15.99 2.18 -2.59
N THR C 42 -17.17 1.69 -2.94
CA THR C 42 -18.41 2.29 -2.47
C THR C 42 -18.72 1.74 -1.08
N ILE C 43 -18.83 2.62 -0.09
CA ILE C 43 -19.08 2.20 1.29
C ILE C 43 -20.52 2.50 1.73
N TRP C 44 -21.39 1.49 1.66
CA TRP C 44 -22.78 1.65 2.03
C TRP C 44 -22.99 1.68 3.53
N MET C 45 -23.64 2.72 4.03
CA MET C 45 -23.89 2.81 5.47
C MET C 45 -24.74 1.64 5.94
N LEU C 46 -25.67 1.18 5.10
CA LEU C 46 -26.50 0.03 5.45
C LEU C 46 -26.10 -1.15 4.55
N PRO C 47 -25.32 -2.09 5.09
CA PRO C 47 -24.87 -3.24 4.32
C PRO C 47 -25.99 -3.91 3.54
N GLU C 48 -27.10 -4.20 4.20
CA GLU C 48 -28.24 -4.84 3.56
C GLU C 48 -28.54 -4.21 2.19
N PHE C 49 -28.57 -2.88 2.14
CA PHE C 49 -28.83 -2.18 0.90
C PHE C 49 -27.92 -2.60 -0.26
N ALA C 50 -26.62 -2.74 0.03
CA ALA C 50 -25.65 -3.12 -1.00
C ALA C 50 -25.98 -4.43 -1.66
N GLN C 51 -26.78 -5.24 -0.98
CA GLN C 51 -27.18 -6.53 -1.51
C GLN C 51 -28.22 -6.34 -2.61
N LEU C 52 -28.91 -5.21 -2.61
CA LEU C 52 -29.95 -4.97 -3.60
C LEU C 52 -29.63 -3.93 -4.66
N ARG C 53 -28.79 -2.96 -4.34
CA ARG C 53 -28.43 -1.94 -5.32
C ARG C 53 -26.92 -1.76 -5.29
N SER C 54 -26.41 -1.01 -6.26
CA SER C 54 -24.98 -0.79 -6.32
C SER C 54 -24.65 0.49 -7.07
N PHE C 55 -23.40 0.88 -7.00
CA PHE C 55 -22.93 2.05 -7.71
C PHE C 55 -21.46 1.82 -7.98
N ASP C 56 -21.04 2.02 -9.22
CA ASP C 56 -19.66 1.84 -9.63
C ASP C 56 -18.81 2.98 -9.05
N PRO C 57 -17.90 2.67 -8.12
CA PRO C 57 -17.03 3.69 -7.49
C PRO C 57 -16.34 4.60 -8.51
N GLN C 58 -16.14 4.09 -9.72
CA GLN C 58 -15.48 4.90 -10.74
C GLN C 58 -16.27 6.17 -11.04
N GLY C 59 -17.59 6.12 -10.87
CA GLY C 59 -18.39 7.30 -11.11
C GLY C 59 -18.00 8.43 -10.15
N GLY C 60 -17.69 8.07 -8.91
CA GLY C 60 -17.28 9.06 -7.92
C GLY C 60 -15.91 9.64 -8.24
N LEU C 61 -14.98 8.77 -8.62
CA LEU C 61 -13.62 9.19 -8.96
C LEU C 61 -13.61 10.12 -10.18
N GLN C 62 -14.41 9.77 -11.18
CA GLN C 62 -14.51 10.56 -12.39
C GLN C 62 -15.00 11.94 -12.06
N ASN C 63 -16.02 12.02 -11.21
CA ASN C 63 -16.59 13.31 -10.86
C ASN C 63 -15.80 14.06 -9.79
N ILE C 64 -15.03 13.34 -8.98
CA ILE C 64 -14.20 14.00 -7.99
C ILE C 64 -13.10 14.73 -8.77
N ALA C 65 -12.73 14.18 -9.92
CA ALA C 65 -11.70 14.78 -10.76
C ALA C 65 -12.20 16.11 -11.33
N THR C 66 -13.44 16.08 -11.79
CA THR C 66 -14.08 17.27 -12.34
C THR C 66 -14.14 18.31 -11.24
N GLY C 67 -14.22 17.85 -9.99
CA GLY C 67 -14.28 18.77 -8.87
C GLY C 67 -12.95 19.47 -8.74
N LYS C 68 -11.88 18.72 -8.98
CA LYS C 68 -10.52 19.26 -8.93
C LYS C 68 -10.37 20.30 -10.04
N HIS C 69 -10.98 19.99 -11.19
CA HIS C 69 -10.95 20.85 -12.36
C HIS C 69 -11.77 22.14 -12.17
N ASN C 70 -13.06 22.01 -11.90
CA ASN C 70 -13.89 23.19 -11.69
C ASN C 70 -13.30 24.04 -10.58
N LEU C 71 -12.85 23.43 -9.51
CA LEU C 71 -12.20 24.22 -8.47
C LEU C 71 -10.93 24.62 -9.20
N GLY C 72 -10.35 25.76 -8.86
CA GLY C 72 -9.16 26.18 -9.57
C GLY C 72 -9.63 27.12 -10.66
N VAL C 73 -10.47 26.62 -11.57
CA VAL C 73 -11.03 27.46 -12.60
C VAL C 73 -11.75 28.57 -11.85
N LEU C 74 -12.54 28.17 -10.85
CA LEU C 74 -13.30 29.10 -10.03
C LEU C 74 -12.43 29.84 -9.02
N THR C 75 -11.32 29.23 -8.62
CA THR C 75 -10.42 29.89 -7.66
C THR C 75 -9.68 30.99 -8.41
N LYS C 76 -9.53 30.79 -9.72
CA LYS C 76 -8.85 31.74 -10.60
C LYS C 76 -9.82 32.87 -10.96
N ARG C 77 -11.04 32.49 -11.29
CA ARG C 77 -12.09 33.43 -11.66
C ARG C 77 -12.53 34.33 -10.51
N SER C 78 -12.77 33.74 -9.35
CA SER C 78 -13.22 34.49 -8.18
C SER C 78 -12.16 35.49 -7.74
N ASN C 79 -11.02 35.51 -8.44
CA ASN C 79 -9.93 36.39 -8.08
C ASN C 79 -9.38 35.88 -6.76
N SER C 80 -9.34 34.54 -6.66
CA SER C 80 -8.83 33.85 -5.47
C SER C 80 -9.52 34.17 -4.15
N THR C 81 -10.85 34.25 -4.17
CA THR C 81 -11.60 34.55 -2.95
C THR C 81 -11.67 33.33 -2.03
N PRO C 82 -11.07 33.44 -0.82
CA PRO C 82 -11.08 32.33 0.13
C PRO C 82 -12.42 32.16 0.83
N ALA C 83 -12.63 30.99 1.43
CA ALA C 83 -13.86 30.69 2.12
C ALA C 83 -13.84 31.32 3.51
N THR C 84 -15.01 31.75 3.98
CA THR C 84 -15.07 32.36 5.29
C THR C 84 -15.46 31.34 6.37
N ASN C 85 -14.62 31.26 7.41
CA ASN C 85 -14.79 30.34 8.52
C ASN C 85 -16.02 30.55 9.40
N GLU C 86 -16.84 29.52 9.54
CA GLU C 86 -18.01 29.60 10.40
C GLU C 86 -17.66 28.89 11.69
N ALA C 87 -18.51 29.03 12.70
CA ALA C 87 -18.24 28.39 13.97
C ALA C 87 -19.25 27.27 14.19
N PRO C 88 -18.76 26.02 14.30
CA PRO C 88 -19.58 24.82 14.50
C PRO C 88 -20.38 24.84 15.79
N GLN C 89 -21.46 24.07 15.80
CA GLN C 89 -22.33 23.97 16.97
C GLN C 89 -22.51 22.49 17.21
N ALA C 90 -22.44 22.07 18.47
CA ALA C 90 -22.60 20.65 18.75
C ALA C 90 -23.66 20.37 19.79
N THR C 91 -24.30 19.21 19.63
CA THR C 91 -25.36 18.76 20.51
C THR C 91 -25.09 17.31 20.82
N VAL C 92 -25.27 16.92 22.08
CA VAL C 92 -25.03 15.54 22.45
C VAL C 92 -26.26 14.90 23.06
N PHE C 93 -26.61 13.71 22.57
CA PHE C 93 -27.79 13.01 23.06
C PHE C 93 -27.66 11.51 22.81
N PRO C 94 -28.23 10.69 23.70
CA PRO C 94 -28.16 9.24 23.53
C PRO C 94 -29.14 8.68 22.48
N LYS C 95 -28.73 7.60 21.82
CA LYS C 95 -29.56 6.95 20.84
C LYS C 95 -30.81 6.39 21.53
N SER C 96 -30.62 5.72 22.66
CA SER C 96 -31.73 5.15 23.41
C SER C 96 -31.80 5.77 24.79
N PRO C 97 -32.93 5.60 25.49
CA PRO C 97 -33.06 6.17 26.83
C PRO C 97 -31.97 5.50 27.68
N VAL C 98 -31.33 6.28 28.55
CA VAL C 98 -30.25 5.77 29.40
C VAL C 98 -30.69 4.83 30.54
N LEU C 99 -30.10 3.64 30.58
CA LEU C 99 -30.39 2.67 31.64
C LEU C 99 -29.06 2.13 32.16
N LEU C 100 -28.83 2.28 33.46
CA LEU C 100 -27.58 1.83 34.06
C LEU C 100 -27.17 0.41 33.67
N GLY C 101 -25.99 0.31 33.08
CA GLY C 101 -25.47 -0.97 32.66
C GLY C 101 -25.95 -1.51 31.32
N GLN C 102 -26.85 -0.79 30.66
CA GLN C 102 -27.33 -1.29 29.38
C GLN C 102 -26.61 -0.62 28.20
N PRO C 103 -26.07 -1.42 27.28
CA PRO C 103 -25.36 -0.88 26.12
C PRO C 103 -26.18 0.18 25.37
N ASN C 104 -25.55 1.31 25.10
CA ASN C 104 -26.20 2.41 24.40
C ASN C 104 -25.19 3.02 23.43
N THR C 105 -25.52 4.19 22.91
CA THR C 105 -24.63 4.89 21.97
C THR C 105 -24.82 6.38 22.22
N LEU C 106 -23.72 7.12 22.27
CA LEU C 106 -23.81 8.57 22.49
C LEU C 106 -23.61 9.17 21.11
N ILE C 107 -24.44 10.15 20.79
CA ILE C 107 -24.35 10.79 19.49
C ILE C 107 -24.02 12.26 19.61
N CYS C 108 -23.06 12.69 18.80
CA CYS C 108 -22.66 14.08 18.77
C CYS C 108 -22.99 14.60 17.36
N PHE C 109 -23.97 15.48 17.28
CA PHE C 109 -24.41 16.08 16.05
C PHE C 109 -23.76 17.44 15.97
N VAL C 110 -22.93 17.66 14.96
CA VAL C 110 -22.26 18.93 14.80
C VAL C 110 -22.82 19.61 13.57
N ASP C 111 -23.33 20.82 13.76
CA ASP C 111 -23.94 21.57 12.68
C ASP C 111 -23.22 22.85 12.33
N ASN C 112 -23.62 23.47 11.21
CA ASN C 112 -23.03 24.73 10.76
C ASN C 112 -21.52 24.57 10.61
N ILE C 113 -21.10 23.56 9.86
CA ILE C 113 -19.68 23.30 9.62
C ILE C 113 -19.27 23.88 8.29
N PHE C 114 -18.28 24.76 8.30
CA PHE C 114 -17.77 25.37 7.08
C PHE C 114 -16.45 26.13 7.31
N PRO C 115 -15.42 25.80 6.54
CA PRO C 115 -15.46 24.76 5.49
C PRO C 115 -15.52 23.35 6.11
N PRO C 116 -15.80 22.32 5.28
CA PRO C 116 -15.90 20.91 5.70
C PRO C 116 -14.58 20.24 6.04
N VAL C 117 -14.00 20.69 7.14
CA VAL C 117 -12.75 20.15 7.67
C VAL C 117 -12.96 20.26 9.16
N ILE C 118 -12.82 19.15 9.87
CA ILE C 118 -13.07 19.21 11.29
C ILE C 118 -12.58 17.95 11.98
N ASN C 119 -12.29 18.07 13.27
CA ASN C 119 -11.83 16.94 14.07
C ASN C 119 -12.87 16.87 15.19
N ILE C 120 -13.50 15.71 15.32
CA ILE C 120 -14.51 15.50 16.35
C ILE C 120 -14.07 14.31 17.19
N THR C 121 -13.94 14.49 18.49
CA THR C 121 -13.52 13.37 19.33
C THR C 121 -14.28 13.26 20.64
N TRP C 122 -14.19 12.09 21.25
CA TRP C 122 -14.89 11.81 22.49
C TRP C 122 -14.00 11.73 23.74
N LEU C 123 -14.52 12.25 24.85
CA LEU C 123 -13.80 12.21 26.11
C LEU C 123 -14.67 11.60 27.19
N ARG C 124 -14.18 10.51 27.78
CA ARG C 124 -14.85 9.83 28.88
C ARG C 124 -14.13 10.40 30.09
N ASN C 125 -14.87 11.15 30.88
CA ASN C 125 -14.29 11.81 32.02
C ASN C 125 -13.16 12.72 31.61
N SER C 126 -13.01 13.29 30.43
CA SER C 126 -11.77 14.06 30.42
C SER C 126 -10.56 13.23 29.96
N LYS C 127 -10.79 12.10 29.29
CA LYS C 127 -9.67 11.36 28.74
C LYS C 127 -10.20 10.89 27.40
N SER C 128 -9.44 11.13 26.34
CA SER C 128 -9.85 10.77 24.99
C SER C 128 -10.18 9.26 24.80
N VAL C 129 -11.35 8.96 24.24
CA VAL C 129 -11.72 7.56 23.99
C VAL C 129 -11.75 7.38 22.48
N ALA C 130 -11.04 6.39 21.99
CA ALA C 130 -10.93 6.16 20.55
C ALA C 130 -11.55 4.88 20.02
N ASP C 131 -11.94 3.98 20.91
CA ASP C 131 -12.56 2.73 20.48
C ASP C 131 -14.10 2.83 20.57
N GLY C 132 -14.80 2.17 19.65
CA GLY C 132 -16.25 2.22 19.65
C GLY C 132 -16.76 3.55 19.11
N VAL C 133 -15.95 4.16 18.26
CA VAL C 133 -16.30 5.45 17.66
C VAL C 133 -16.53 5.35 16.15
N TYR C 134 -17.61 5.97 15.69
CA TYR C 134 -17.97 5.98 14.28
C TYR C 134 -18.32 7.40 13.88
N GLU C 135 -18.02 7.75 12.64
CA GLU C 135 -18.27 9.09 12.13
C GLU C 135 -18.96 9.01 10.77
N THR C 136 -19.87 9.96 10.50
CA THR C 136 -20.59 10.01 9.23
C THR C 136 -19.82 10.94 8.29
N SER C 137 -20.21 10.95 7.02
CA SER C 137 -19.59 11.85 6.05
C SER C 137 -20.15 13.23 6.35
N PHE C 138 -19.90 14.19 5.47
CA PHE C 138 -20.42 15.56 5.63
C PHE C 138 -21.75 15.69 4.90
N PHE C 139 -22.81 16.01 5.63
CA PHE C 139 -24.13 16.16 5.02
C PHE C 139 -24.32 17.60 4.54
N VAL C 140 -24.95 17.77 3.38
CA VAL C 140 -25.19 19.11 2.84
C VAL C 140 -26.34 19.84 3.58
N ASN C 141 -26.16 21.14 3.83
CA ASN C 141 -27.19 21.94 4.48
C ASN C 141 -27.81 22.83 3.40
N ARG C 142 -28.96 23.42 3.70
CA ARG C 142 -29.60 24.28 2.73
C ARG C 142 -28.76 25.52 2.41
N ASP C 143 -28.07 26.04 3.43
CA ASP C 143 -27.23 27.23 3.27
C ASP C 143 -25.83 26.91 2.77
N TYR C 144 -25.60 25.66 2.42
CA TYR C 144 -24.31 25.20 1.89
C TYR C 144 -23.19 24.97 2.91
N SER C 145 -23.54 25.02 4.18
CA SER C 145 -22.58 24.68 5.23
C SER C 145 -22.80 23.17 5.37
N PHE C 146 -22.29 22.55 6.42
CA PHE C 146 -22.49 21.11 6.55
C PHE C 146 -22.71 20.66 7.99
N HIS C 147 -23.24 19.44 8.15
CA HIS C 147 -23.36 18.85 9.47
C HIS C 147 -22.70 17.49 9.37
N LYS C 148 -22.43 16.88 10.51
CA LYS C 148 -21.77 15.58 10.52
C LYS C 148 -22.04 15.04 11.91
N LEU C 149 -22.12 13.72 12.02
CA LEU C 149 -22.37 13.17 13.34
C LEU C 149 -21.30 12.14 13.69
N SER C 150 -21.01 12.02 14.97
CA SER C 150 -20.03 11.05 15.46
C SER C 150 -20.74 10.21 16.51
N TYR C 151 -20.29 8.98 16.69
CA TYR C 151 -20.94 8.08 17.64
C TYR C 151 -19.99 7.38 18.59
N LEU C 152 -20.46 7.13 19.79
CA LEU C 152 -19.66 6.46 20.79
C LEU C 152 -20.49 5.44 21.52
N THR C 153 -20.10 4.18 21.41
CA THR C 153 -20.81 3.12 22.11
C THR C 153 -20.30 3.21 23.54
N PHE C 154 -21.14 2.90 24.51
CA PHE C 154 -20.72 3.00 25.89
C PHE C 154 -21.73 2.36 26.82
N ILE C 155 -21.31 2.11 28.06
CA ILE C 155 -22.19 1.54 29.06
C ILE C 155 -22.41 2.66 30.05
N PRO C 156 -23.67 3.02 30.32
CA PRO C 156 -23.98 4.10 31.27
C PRO C 156 -23.63 3.76 32.71
N SER C 157 -22.90 4.66 33.38
CA SER C 157 -22.48 4.46 34.77
C SER C 157 -22.67 5.73 35.56
N ASP C 158 -22.81 5.59 36.87
CA ASP C 158 -22.97 6.76 37.74
C ASP C 158 -21.63 7.48 37.86
N ASP C 159 -20.55 6.71 37.69
CA ASP C 159 -19.21 7.27 37.79
C ASP C 159 -18.60 7.70 36.46
N ASP C 160 -19.44 8.03 35.49
CA ASP C 160 -18.94 8.45 34.19
C ASP C 160 -19.57 9.67 33.55
N ILE C 161 -18.70 10.56 33.10
CA ILE C 161 -19.07 11.81 32.47
C ILE C 161 -18.52 11.85 31.05
N TYR C 162 -19.21 12.53 30.14
CA TYR C 162 -18.73 12.61 28.77
C TYR C 162 -18.69 14.02 28.19
N ASP C 163 -17.89 14.17 27.14
CA ASP C 163 -17.74 15.43 26.44
C ASP C 163 -17.48 15.13 24.98
N CYS C 164 -17.99 15.97 24.09
CA CYS C 164 -17.75 15.81 22.67
C CYS C 164 -16.86 16.99 22.35
N LYS C 165 -15.69 16.72 21.80
CA LYS C 165 -14.74 17.78 21.47
C LYS C 165 -14.67 18.06 19.98
N VAL C 166 -14.97 19.30 19.62
CA VAL C 166 -14.98 19.73 18.23
C VAL C 166 -13.84 20.74 17.99
N GLU C 167 -13.04 20.51 16.95
CA GLU C 167 -11.93 21.37 16.59
C GLU C 167 -12.16 21.89 15.19
N HIS C 168 -12.17 23.20 15.04
CA HIS C 168 -12.42 23.81 13.74
C HIS C 168 -11.71 25.15 13.63
N TRP C 169 -11.33 25.51 12.41
CA TRP C 169 -10.65 26.77 12.17
C TRP C 169 -11.53 27.98 12.50
N GLY C 170 -12.81 27.72 12.79
CA GLY C 170 -13.73 28.79 13.11
C GLY C 170 -13.90 29.00 14.61
N LEU C 171 -13.21 28.18 15.38
CA LEU C 171 -13.25 28.29 16.83
C LEU C 171 -11.89 28.78 17.28
N GLU C 172 -11.87 29.56 18.36
CA GLU C 172 -10.62 30.09 18.88
C GLU C 172 -10.07 29.08 19.87
N GLU C 173 -10.98 28.30 20.44
CA GLU C 173 -10.61 27.28 21.41
C GLU C 173 -11.58 26.12 21.22
N PRO C 174 -11.05 24.89 21.14
CA PRO C 174 -11.88 23.70 20.97
C PRO C 174 -13.14 23.76 21.83
N VAL C 175 -14.26 23.40 21.23
CA VAL C 175 -15.53 23.40 21.93
C VAL C 175 -15.81 22.05 22.59
N LEU C 176 -16.14 22.08 23.87
CA LEU C 176 -16.46 20.85 24.58
C LEU C 176 -17.96 20.83 24.89
N LYS C 177 -18.67 19.88 24.29
CA LYS C 177 -20.09 19.76 24.57
C LYS C 177 -20.19 18.65 25.60
N HIS C 178 -20.62 19.02 26.78
CA HIS C 178 -20.72 18.09 27.89
C HIS C 178 -22.02 17.29 27.96
N TRP C 179 -21.93 16.08 28.48
CA TRP C 179 -23.10 15.23 28.63
C TRP C 179 -22.85 14.17 29.71
N GLU C 180 -23.89 13.85 30.48
CA GLU C 180 -23.78 12.84 31.51
C GLU C 180 -25.15 12.26 31.87
N PRO C 181 -25.22 10.94 32.16
CA PRO C 181 -26.50 10.35 32.52
C PRO C 181 -27.17 11.13 33.62
N GLU C 182 -28.33 11.68 33.29
CA GLU C 182 -29.10 12.49 34.21
C GLU C 182 -30.01 11.60 35.07
N GLY D 1 -3.56 31.75 -1.91
CA GLY D 1 -3.00 30.44 -1.46
C GLY D 1 -1.87 30.62 -0.47
N ASP D 2 -1.75 31.84 0.05
CA ASP D 2 -0.72 32.16 1.02
C ASP D 2 -0.70 31.24 2.27
N SER D 3 -1.61 31.42 3.23
CA SER D 3 -1.56 30.67 4.51
C SER D 3 -2.80 29.92 5.06
N GLU D 4 -3.88 30.66 5.37
CA GLU D 4 -5.11 30.01 5.81
C GLU D 4 -6.13 30.41 4.77
N ARG D 5 -5.75 30.27 3.50
CA ARG D 5 -6.61 30.60 2.38
C ARG D 5 -7.19 29.31 1.83
N HIS D 6 -8.33 28.91 2.39
CA HIS D 6 -9.00 27.68 2.00
C HIS D 6 -9.98 27.90 0.83
N PHE D 7 -9.99 26.96 -0.10
CA PHE D 7 -10.87 27.02 -1.27
C PHE D 7 -11.54 25.67 -1.50
N VAL D 8 -12.84 25.69 -1.76
CA VAL D 8 -13.58 24.45 -1.99
C VAL D 8 -14.68 24.70 -3.02
N VAL D 9 -15.21 23.64 -3.62
CA VAL D 9 -16.31 23.76 -4.58
C VAL D 9 -17.32 22.67 -4.19
N GLN D 10 -18.58 22.90 -4.51
CA GLN D 10 -19.63 21.95 -4.18
C GLN D 10 -20.57 21.69 -5.37
N PHE D 11 -20.86 20.42 -5.61
CA PHE D 11 -21.80 20.04 -6.66
C PHE D 11 -22.92 19.36 -5.89
N GLN D 12 -24.15 19.85 -6.05
CA GLN D 12 -25.27 19.28 -5.32
C GLN D 12 -26.47 18.94 -6.20
N PRO D 13 -26.56 17.69 -6.64
CA PRO D 13 -27.69 17.29 -7.48
C PRO D 13 -28.93 16.99 -6.63
N PHE D 14 -30.12 17.31 -7.14
CA PHE D 14 -31.34 17.07 -6.38
C PHE D 14 -32.47 16.49 -7.22
N CYS D 15 -32.99 15.36 -6.76
CA CYS D 15 -34.12 14.71 -7.42
C CYS D 15 -35.30 14.82 -6.45
N TYR D 16 -36.13 15.84 -6.65
CA TYR D 16 -37.31 16.07 -5.82
C TYR D 16 -38.47 15.23 -6.36
N PHE D 17 -38.95 14.27 -5.57
CA PHE D 17 -40.05 13.40 -6.00
C PHE D 17 -41.36 13.73 -5.30
N THR D 18 -42.43 13.83 -6.08
CA THR D 18 -43.74 14.11 -5.52
C THR D 18 -44.70 13.02 -6.00
N ASN D 19 -45.33 12.33 -5.04
CA ASN D 19 -46.26 11.25 -5.36
C ASN D 19 -45.54 10.25 -6.25
N GLY D 20 -44.64 9.46 -5.66
CA GLY D 20 -43.90 8.49 -6.45
C GLY D 20 -43.13 9.25 -7.52
N THR D 21 -43.30 8.87 -8.77
CA THR D 21 -42.62 9.58 -9.85
C THR D 21 -43.59 10.41 -10.72
N GLN D 22 -44.83 10.56 -10.23
CA GLN D 22 -45.84 11.32 -10.98
C GLN D 22 -45.31 12.70 -11.29
N ARG D 23 -44.44 13.21 -10.43
CA ARG D 23 -43.86 14.51 -10.67
C ARG D 23 -42.44 14.57 -10.13
N ILE D 24 -41.52 14.90 -11.01
CA ILE D 24 -40.12 15.02 -10.65
C ILE D 24 -39.61 16.39 -11.02
N ARG D 25 -38.72 16.91 -10.19
CA ARG D 25 -38.08 18.19 -10.44
C ARG D 25 -36.61 17.89 -10.24
N TYR D 26 -35.80 18.20 -11.24
CA TYR D 26 -34.37 17.95 -11.17
C TYR D 26 -33.60 19.25 -11.02
N VAL D 27 -32.83 19.37 -9.95
CA VAL D 27 -32.07 20.58 -9.72
C VAL D 27 -30.61 20.25 -9.49
N THR D 28 -29.75 20.94 -10.24
CA THR D 28 -28.31 20.76 -10.14
C THR D 28 -27.67 22.07 -9.71
N ARG D 29 -27.11 22.10 -8.50
CA ARG D 29 -26.50 23.33 -8.01
C ARG D 29 -24.99 23.34 -8.07
N TYR D 30 -24.42 24.44 -8.57
CA TYR D 30 -22.97 24.59 -8.68
C TYR D 30 -22.51 25.68 -7.70
N ILE D 31 -21.88 25.26 -6.62
CA ILE D 31 -21.41 26.20 -5.61
C ILE D 31 -19.90 26.42 -5.69
N TYR D 32 -19.45 27.64 -5.42
CA TYR D 32 -18.01 27.88 -5.45
C TYR D 32 -17.50 27.63 -4.05
N ASN D 33 -17.64 28.57 -3.12
CA ASN D 33 -17.17 28.28 -1.77
C ASN D 33 -18.36 27.86 -0.95
N ARG D 34 -19.33 28.76 -0.91
CA ARG D 34 -20.58 28.57 -0.19
C ARG D 34 -21.61 29.34 -1.02
N GLU D 35 -21.13 29.89 -2.13
CA GLU D 35 -21.95 30.67 -3.05
C GLU D 35 -22.44 29.87 -4.25
N GLU D 36 -23.75 29.80 -4.45
CA GLU D 36 -24.31 29.09 -5.58
C GLU D 36 -24.23 30.00 -6.81
N TYR D 37 -23.35 29.69 -7.75
CA TYR D 37 -23.18 30.55 -8.93
C TYR D 37 -23.89 30.07 -10.21
N LEU D 38 -24.06 28.77 -10.37
CA LEU D 38 -24.72 28.24 -11.55
C LEU D 38 -25.77 27.21 -11.14
N ARG D 39 -26.85 27.11 -11.90
CA ARG D 39 -27.90 26.17 -11.55
C ARG D 39 -28.74 25.66 -12.70
N PHE D 40 -28.98 24.36 -12.71
CA PHE D 40 -29.84 23.79 -13.72
C PHE D 40 -31.12 23.49 -12.96
N ASP D 41 -32.26 23.76 -13.60
CA ASP D 41 -33.55 23.54 -12.97
C ASP D 41 -34.53 23.03 -14.02
N SER D 42 -34.96 21.78 -13.89
CA SER D 42 -35.88 21.19 -14.85
C SER D 42 -37.14 22.04 -15.05
N ASP D 43 -37.58 22.74 -14.00
CA ASP D 43 -38.75 23.61 -14.12
C ASP D 43 -38.42 24.66 -15.19
N VAL D 44 -37.27 25.30 -15.04
CA VAL D 44 -36.82 26.31 -15.98
C VAL D 44 -36.31 25.65 -17.27
N GLY D 45 -35.86 24.41 -17.15
CA GLY D 45 -35.36 23.68 -18.30
C GLY D 45 -34.06 24.18 -18.89
N GLU D 46 -33.32 25.01 -18.16
CA GLU D 46 -32.06 25.55 -18.69
C GLU D 46 -31.03 25.93 -17.63
N TYR D 47 -29.77 25.90 -18.01
CA TYR D 47 -28.66 26.25 -17.13
C TYR D 47 -28.50 27.76 -16.90
N ARG D 48 -29.41 28.38 -16.14
CA ARG D 48 -29.26 29.81 -15.88
C ARG D 48 -28.21 30.09 -14.81
N ALA D 49 -27.45 31.17 -14.98
CA ALA D 49 -26.44 31.54 -14.00
C ALA D 49 -27.17 32.17 -12.83
N VAL D 50 -26.75 31.84 -11.61
CA VAL D 50 -27.38 32.34 -10.39
C VAL D 50 -26.83 33.70 -9.97
N THR D 51 -25.51 33.82 -10.00
CA THR D 51 -24.85 35.07 -9.62
C THR D 51 -23.78 35.46 -10.62
N GLU D 52 -23.21 36.65 -10.42
CA GLU D 52 -22.17 37.17 -11.29
C GLU D 52 -21.13 36.09 -11.54
N LEU D 53 -20.53 35.58 -10.46
CA LEU D 53 -19.48 34.56 -10.53
C LEU D 53 -19.75 33.46 -11.57
N GLY D 54 -21.02 33.20 -11.85
CA GLY D 54 -21.35 32.17 -12.82
C GLY D 54 -21.74 32.68 -14.19
N ARG D 55 -21.45 33.95 -14.45
CA ARG D 55 -21.77 34.57 -15.73
C ARG D 55 -21.12 33.84 -16.91
N PRO D 56 -19.81 33.53 -16.81
CA PRO D 56 -19.08 32.84 -17.88
C PRO D 56 -19.47 31.41 -18.23
N ASP D 57 -20.33 30.78 -17.43
CA ASP D 57 -20.69 29.38 -17.69
C ASP D 57 -22.00 29.09 -18.43
N ALA D 58 -23.02 29.90 -18.19
CA ALA D 58 -24.33 29.68 -18.81
C ALA D 58 -24.34 29.21 -20.27
N GLU D 59 -23.90 30.08 -21.17
CA GLU D 59 -23.89 29.76 -22.60
C GLU D 59 -23.24 28.40 -22.86
N TYR D 60 -21.97 28.30 -22.50
CA TYR D 60 -21.19 27.07 -22.70
C TYR D 60 -21.92 25.83 -22.18
N TYR D 61 -22.40 25.90 -20.94
CA TYR D 61 -23.10 24.79 -20.32
C TYR D 61 -24.36 24.36 -21.07
N ASN D 62 -25.15 25.32 -21.52
CA ASN D 62 -26.36 25.00 -22.25
C ASN D 62 -25.99 24.39 -23.59
N LYS D 63 -24.82 24.76 -24.12
CA LYS D 63 -24.35 24.22 -25.39
C LYS D 63 -23.98 22.76 -25.16
N GLN D 64 -22.86 22.60 -24.49
CA GLN D 64 -22.29 21.29 -24.21
C GLN D 64 -23.12 20.29 -23.42
N TYR D 65 -23.91 20.74 -22.45
CA TYR D 65 -24.66 19.82 -21.60
C TYR D 65 -26.18 19.81 -21.58
N LEU D 66 -26.82 20.95 -21.84
CA LEU D 66 -28.28 21.00 -21.76
C LEU D 66 -29.03 19.70 -22.07
N GLU D 67 -28.71 19.07 -23.19
CA GLU D 67 -29.41 17.84 -23.57
C GLU D 67 -29.06 16.67 -22.66
N ARG D 68 -27.79 16.58 -22.28
CA ARG D 68 -27.35 15.50 -21.43
C ARG D 68 -27.92 15.60 -20.02
N THR D 69 -28.15 16.82 -19.56
CA THR D 69 -28.69 17.02 -18.23
C THR D 69 -30.21 16.79 -18.18
N ARG D 70 -30.95 17.42 -19.08
CA ARG D 70 -32.40 17.22 -19.09
C ARG D 70 -32.70 15.73 -19.00
N ALA D 71 -31.91 14.93 -19.72
CA ALA D 71 -32.10 13.49 -19.74
C ALA D 71 -31.94 12.81 -18.38
N GLU D 72 -31.01 13.30 -17.57
CA GLU D 72 -30.75 12.70 -16.27
C GLU D 72 -32.00 12.59 -15.41
N LEU D 73 -32.97 13.45 -15.68
CA LEU D 73 -34.21 13.43 -14.93
C LEU D 73 -34.86 12.05 -15.08
N ASP D 74 -34.60 11.40 -16.20
CA ASP D 74 -35.17 10.08 -16.43
C ASP D 74 -34.16 8.97 -16.16
N THR D 75 -32.95 9.15 -16.69
CA THR D 75 -31.90 8.16 -16.53
C THR D 75 -31.25 8.15 -15.14
N VAL D 76 -31.41 9.23 -14.37
CA VAL D 76 -30.85 9.26 -13.04
C VAL D 76 -31.95 9.30 -11.97
N CYS D 77 -32.79 10.33 -12.00
CA CYS D 77 -33.85 10.48 -11.02
C CYS D 77 -34.90 9.38 -11.04
N ARG D 78 -35.72 9.34 -12.10
CA ARG D 78 -36.78 8.34 -12.19
C ARG D 78 -36.22 6.93 -12.05
N TYR D 79 -35.11 6.68 -12.74
CA TYR D 79 -34.46 5.37 -12.72
C TYR D 79 -34.03 4.91 -11.33
N ASN D 80 -33.27 5.75 -10.63
CA ASN D 80 -32.80 5.39 -9.29
C ASN D 80 -33.96 5.14 -8.34
N TYR D 81 -35.01 5.95 -8.45
CA TYR D 81 -36.16 5.81 -7.57
C TYR D 81 -36.85 4.47 -7.80
N GLU D 82 -37.28 4.25 -9.04
CA GLU D 82 -37.99 3.03 -9.37
C GLU D 82 -37.13 1.76 -9.35
N GLU D 83 -35.85 1.89 -9.68
CA GLU D 83 -34.98 0.72 -9.71
C GLU D 83 -34.15 0.44 -8.45
N THR D 84 -33.80 1.47 -7.68
CA THR D 84 -33.00 1.22 -6.48
C THR D 84 -33.61 1.69 -5.15
N GLU D 85 -34.39 2.77 -5.16
CA GLU D 85 -35.01 3.24 -3.92
C GLU D 85 -36.15 2.31 -3.52
N VAL D 86 -37.01 1.99 -4.47
CA VAL D 86 -38.16 1.12 -4.20
C VAL D 86 -37.80 -0.11 -3.38
N PRO D 87 -36.76 -0.86 -3.78
CA PRO D 87 -36.37 -2.05 -3.01
C PRO D 87 -35.58 -1.80 -1.71
N THR D 88 -35.07 -0.58 -1.50
CA THR D 88 -34.31 -0.33 -0.27
C THR D 88 -34.83 0.69 0.74
N SER D 89 -34.60 1.96 0.50
CA SER D 89 -35.05 2.98 1.42
C SER D 89 -36.57 3.10 1.55
N LEU D 90 -37.28 2.93 0.44
CA LEU D 90 -38.73 3.03 0.44
C LEU D 90 -39.38 1.79 1.03
N ARG D 91 -38.55 0.81 1.37
CA ARG D 91 -39.06 -0.41 1.94
C ARG D 91 -38.63 -0.56 3.42
N ARG D 92 -37.76 0.34 3.87
CA ARG D 92 -37.27 0.31 5.24
C ARG D 92 -38.34 0.68 6.28
N LEU D 93 -38.62 -0.26 7.17
CA LEU D 93 -39.58 -0.04 8.24
C LEU D 93 -38.96 -0.49 9.58
N GLU D 94 -38.58 0.47 10.42
CA GLU D 94 -38.02 0.12 11.71
C GLU D 94 -39.05 0.56 12.73
N GLN D 95 -39.44 -0.35 13.61
CA GLN D 95 -40.42 -0.05 14.63
C GLN D 95 -39.89 0.77 15.80
N PRO D 96 -40.75 1.68 16.35
CA PRO D 96 -40.43 2.52 17.50
C PRO D 96 -40.29 1.75 18.82
N ASN D 97 -39.41 2.23 19.68
CA ASN D 97 -39.32 1.66 21.01
C ASN D 97 -40.05 2.77 21.77
N VAL D 98 -40.86 2.42 22.76
CA VAL D 98 -41.62 3.44 23.48
C VAL D 98 -41.55 3.22 24.98
N VAL D 99 -41.05 4.21 25.71
CA VAL D 99 -40.99 4.09 27.17
C VAL D 99 -41.36 5.39 27.84
N ILE D 100 -42.00 5.26 29.00
CA ILE D 100 -42.40 6.43 29.76
C ILE D 100 -41.54 6.48 31.01
N SER D 101 -41.17 7.69 31.41
CA SER D 101 -40.34 7.88 32.60
C SER D 101 -40.70 9.21 33.27
N LEU D 102 -40.55 9.29 34.59
CA LEU D 102 -40.86 10.51 35.32
C LEU D 102 -39.59 11.35 35.45
N SER D 103 -39.72 12.67 35.37
CA SER D 103 -38.55 13.54 35.46
C SER D 103 -37.98 13.77 36.86
N ARG D 104 -38.86 13.88 37.86
CA ARG D 104 -38.39 14.11 39.21
C ARG D 104 -38.59 12.90 40.15
N THR D 105 -38.94 13.14 41.41
CA THR D 105 -39.12 12.05 42.38
C THR D 105 -40.54 11.47 42.43
N GLU D 106 -40.65 10.18 42.71
CA GLU D 106 -41.94 9.48 42.82
C GLU D 106 -42.50 9.66 44.25
N ALA D 107 -43.57 10.45 44.44
CA ALA D 107 -44.12 10.71 45.79
C ALA D 107 -45.63 10.85 45.67
N LEU D 108 -46.39 11.52 46.52
CA LEU D 108 -47.78 11.36 46.14
C LEU D 108 -48.47 12.58 45.59
N ASN D 109 -47.69 13.57 45.22
CA ASN D 109 -48.24 14.81 44.71
C ASN D 109 -47.15 15.79 44.32
N HIS D 110 -46.75 15.75 43.06
CA HIS D 110 -45.72 16.64 42.52
C HIS D 110 -46.03 17.09 41.08
N HIS D 111 -45.66 18.31 40.75
CA HIS D 111 -45.87 18.85 39.41
C HIS D 111 -44.70 18.40 38.55
N ASN D 112 -44.68 17.10 38.26
CA ASN D 112 -43.62 16.51 37.47
C ASN D 112 -43.86 16.51 35.98
N THR D 113 -42.98 15.83 35.28
CA THR D 113 -43.05 15.75 33.85
C THR D 113 -42.88 14.31 33.38
N LEU D 114 -43.87 13.80 32.65
CA LEU D 114 -43.78 12.46 32.11
C LEU D 114 -43.19 12.62 30.73
N VAL D 115 -42.19 11.80 30.42
CA VAL D 115 -41.55 11.85 29.12
C VAL D 115 -41.83 10.55 28.39
N CYS D 116 -42.33 10.65 27.16
CA CYS D 116 -42.56 9.44 26.40
C CYS D 116 -41.47 9.42 25.32
N SER D 117 -40.53 8.49 25.46
CA SER D 117 -39.44 8.36 24.51
C SER D 117 -39.80 7.38 23.41
N VAL D 118 -39.83 7.87 22.18
CA VAL D 118 -40.16 7.06 21.01
C VAL D 118 -38.88 7.01 20.17
N THR D 119 -38.23 5.86 20.13
CA THR D 119 -36.93 5.77 19.47
C THR D 119 -36.63 4.65 18.47
N ASP D 120 -35.63 4.92 17.61
CA ASP D 120 -35.15 3.97 16.59
C ASP D 120 -36.14 3.56 15.51
N PHE D 121 -36.98 4.49 15.10
CA PHE D 121 -37.96 4.19 14.08
C PHE D 121 -37.64 4.81 12.74
N TYR D 122 -38.20 4.22 11.71
CA TYR D 122 -38.04 4.69 10.34
C TYR D 122 -39.22 4.09 9.59
N PRO D 123 -39.84 4.87 8.69
CA PRO D 123 -39.46 6.25 8.35
C PRO D 123 -39.97 7.34 9.30
N ALA D 124 -39.85 8.58 8.84
CA ALA D 124 -40.23 9.79 9.59
C ALA D 124 -41.68 9.96 10.06
N LYS D 125 -42.64 9.65 9.21
CA LYS D 125 -44.07 9.79 9.56
C LYS D 125 -44.36 9.05 10.85
N ILE D 126 -44.96 9.74 11.81
CA ILE D 126 -45.28 9.09 13.07
C ILE D 126 -46.25 9.97 13.84
N LYS D 127 -47.00 9.36 14.75
CA LYS D 127 -47.95 10.11 15.57
C LYS D 127 -47.89 9.62 17.02
N VAL D 128 -47.68 10.55 17.93
CA VAL D 128 -47.57 10.22 19.35
C VAL D 128 -48.51 11.10 20.15
N ARG D 129 -49.30 10.48 21.04
CA ARG D 129 -50.26 11.22 21.84
C ARG D 129 -50.33 10.75 23.27
N TRP D 130 -50.76 11.67 24.13
CA TRP D 130 -50.89 11.40 25.55
C TRP D 130 -52.36 11.34 25.99
N PHE D 131 -52.64 10.39 26.85
CA PHE D 131 -53.98 10.25 27.38
C PHE D 131 -53.88 10.11 28.88
N ARG D 132 -54.89 10.66 29.56
CA ARG D 132 -55.01 10.59 31.01
C ARG D 132 -56.41 10.00 31.19
N ASN D 133 -56.47 8.82 31.79
CA ASN D 133 -57.72 8.10 32.00
C ASN D 133 -58.56 8.03 30.71
N GLY D 134 -57.90 7.67 29.61
CA GLY D 134 -58.59 7.54 28.34
C GLY D 134 -58.90 8.82 27.60
N GLN D 135 -58.63 9.98 28.20
CA GLN D 135 -58.91 11.23 27.52
C GLN D 135 -57.60 11.85 27.09
N GLU D 136 -57.53 12.30 25.84
CA GLU D 136 -56.30 12.90 25.34
C GLU D 136 -55.93 14.23 25.97
N GLU D 137 -54.67 14.34 26.34
CA GLU D 137 -54.14 15.57 26.92
C GLU D 137 -53.39 16.32 25.81
N THR D 138 -53.66 17.61 25.67
CA THR D 138 -52.98 18.41 24.67
C THR D 138 -52.44 19.70 25.24
N VAL D 139 -52.86 20.04 26.46
CA VAL D 139 -52.43 21.28 27.08
C VAL D 139 -51.00 21.38 27.63
N GLY D 140 -50.57 20.53 28.54
CA GLY D 140 -49.19 20.71 28.98
C GLY D 140 -48.28 19.75 28.23
N VAL D 141 -48.55 19.60 26.94
CA VAL D 141 -47.83 18.65 26.11
C VAL D 141 -46.92 19.30 25.08
N SER D 142 -45.76 18.68 24.89
CA SER D 142 -44.81 19.19 23.92
C SER D 142 -43.89 18.08 23.48
N SER D 143 -43.53 18.14 22.22
CA SER D 143 -42.64 17.15 21.66
C SER D 143 -41.52 17.86 20.96
N THR D 144 -40.39 17.20 20.92
CA THR D 144 -39.23 17.75 20.25
C THR D 144 -39.57 17.62 18.77
N GLN D 145 -38.76 18.24 17.93
CA GLN D 145 -38.95 18.08 16.50
C GLN D 145 -38.42 16.69 16.23
N LEU D 146 -38.43 16.30 14.98
CA LEU D 146 -37.93 14.98 14.63
C LEU D 146 -36.42 15.02 14.80
N ILE D 147 -35.89 14.05 15.54
CA ILE D 147 -34.44 13.96 15.77
C ILE D 147 -33.84 12.89 14.86
N ARG D 148 -33.03 13.33 13.91
CA ARG D 148 -32.39 12.42 12.97
C ARG D 148 -31.10 11.86 13.58
N ASN D 149 -31.05 10.54 13.80
CA ASN D 149 -29.90 9.89 14.41
C ASN D 149 -28.71 9.72 13.44
N GLY D 150 -28.96 9.88 12.15
CA GLY D 150 -27.91 9.76 11.15
C GLY D 150 -27.59 8.33 10.78
N ASP D 151 -28.23 7.38 11.44
CA ASP D 151 -28.00 5.97 11.17
C ASP D 151 -29.27 5.35 10.56
N TRP D 152 -30.05 6.20 9.90
CA TRP D 152 -31.30 5.81 9.28
C TRP D 152 -32.37 5.43 10.29
N THR D 153 -32.44 6.19 11.38
CA THR D 153 -33.50 6.00 12.38
C THR D 153 -33.74 7.36 13.01
N PHE D 154 -34.91 7.53 13.60
CA PHE D 154 -35.28 8.79 14.23
C PHE D 154 -35.73 8.53 15.64
N GLN D 155 -35.95 9.61 16.36
CA GLN D 155 -36.50 9.52 17.71
C GLN D 155 -37.21 10.84 17.95
N VAL D 156 -38.20 10.78 18.83
CA VAL D 156 -38.91 11.97 19.20
C VAL D 156 -39.23 11.78 20.67
N LEU D 157 -39.10 12.85 21.45
CA LEU D 157 -39.41 12.81 22.88
C LEU D 157 -40.62 13.70 23.13
N VAL D 158 -41.60 13.21 23.86
CA VAL D 158 -42.81 13.98 24.11
C VAL D 158 -43.08 14.13 25.60
N MET D 159 -43.06 15.36 26.07
CA MET D 159 -43.27 15.66 27.48
C MET D 159 -44.72 16.03 27.82
N LEU D 160 -45.16 15.59 29.00
CA LEU D 160 -46.48 15.92 29.51
C LEU D 160 -46.32 16.44 30.95
N GLU D 161 -46.67 17.70 31.17
CA GLU D 161 -46.58 18.27 32.51
C GLU D 161 -47.80 17.74 33.29
N MET D 162 -47.60 17.14 34.45
CA MET D 162 -48.75 16.63 35.18
C MET D 162 -48.55 16.53 36.68
N THR D 163 -49.62 16.22 37.38
CA THR D 163 -49.60 16.06 38.83
C THR D 163 -50.22 14.69 39.13
N PRO D 164 -49.38 13.67 39.38
CA PRO D 164 -49.86 12.31 39.68
C PRO D 164 -50.81 12.20 40.86
N ARG D 165 -51.73 11.25 40.76
CA ARG D 165 -52.71 11.01 41.81
C ARG D 165 -53.00 9.52 41.92
N ARG D 166 -53.98 9.16 42.75
CA ARG D 166 -54.32 7.76 42.94
C ARG D 166 -55.24 7.24 41.83
N GLY D 167 -54.97 6.02 41.37
CA GLY D 167 -55.76 5.40 40.33
C GLY D 167 -55.81 6.19 39.03
N GLU D 168 -54.77 6.98 38.79
CA GLU D 168 -54.70 7.80 37.58
C GLU D 168 -53.82 7.07 36.57
N VAL D 169 -54.36 6.80 35.39
CA VAL D 169 -53.62 6.10 34.35
C VAL D 169 -53.23 6.94 33.14
N TYR D 170 -51.93 7.09 32.90
CA TYR D 170 -51.48 7.84 31.75
C TYR D 170 -51.05 6.86 30.68
N THR D 171 -51.32 7.20 29.43
CA THR D 171 -50.98 6.33 28.31
C THR D 171 -50.30 7.09 27.20
N CYS D 172 -49.30 6.46 26.57
CA CYS D 172 -48.59 7.04 25.44
C CYS D 172 -49.01 6.18 24.24
N HIS D 173 -49.58 6.82 23.23
CA HIS D 173 -50.09 6.11 22.06
C HIS D 173 -49.26 6.45 20.84
N VAL D 174 -48.72 5.44 20.16
CA VAL D 174 -47.88 5.69 19.01
C VAL D 174 -48.35 4.94 17.78
N GLU D 175 -48.43 5.64 16.66
CA GLU D 175 -48.84 5.05 15.40
C GLU D 175 -47.74 5.28 14.38
N HIS D 176 -47.33 4.22 13.74
CA HIS D 176 -46.24 4.31 12.78
C HIS D 176 -46.44 3.28 11.68
N PRO D 177 -46.02 3.59 10.45
CA PRO D 177 -46.14 2.73 9.26
C PRO D 177 -45.63 1.33 9.47
N SER D 178 -44.70 1.16 10.40
CA SER D 178 -44.12 -0.16 10.65
C SER D 178 -44.93 -1.00 11.61
N LEU D 179 -45.95 -0.39 12.22
CA LEU D 179 -46.80 -1.11 13.16
C LEU D 179 -48.17 -1.41 12.57
N LYS D 180 -48.53 -2.67 12.49
CA LYS D 180 -49.84 -3.02 11.98
C LYS D 180 -50.87 -2.49 13.01
N SER D 181 -50.50 -2.51 14.28
CA SER D 181 -51.37 -2.01 15.36
C SER D 181 -50.59 -1.03 16.24
N PRO D 182 -51.21 0.08 16.62
CA PRO D 182 -50.57 1.10 17.45
C PRO D 182 -50.04 0.58 18.76
N ILE D 183 -49.00 1.23 19.28
CA ILE D 183 -48.40 0.85 20.54
C ILE D 183 -48.92 1.75 21.64
N THR D 184 -49.21 1.17 22.79
CA THR D 184 -49.69 1.95 23.92
C THR D 184 -48.92 1.56 25.17
N VAL D 185 -48.34 2.55 25.84
CA VAL D 185 -47.59 2.28 27.05
C VAL D 185 -48.33 2.98 28.18
N GLU D 186 -48.40 2.32 29.32
CA GLU D 186 -49.10 2.85 30.48
C GLU D 186 -48.17 3.21 31.63
N TRP D 187 -48.60 4.19 32.42
CA TRP D 187 -47.84 4.63 33.59
C TRP D 187 -48.81 4.98 34.72
N ARG D 188 -48.49 4.54 35.93
CA ARG D 188 -49.30 4.78 37.12
C ARG D 188 -48.41 5.24 38.27
N ALA D 189 -49.01 5.86 39.28
CA ALA D 189 -48.28 6.34 40.45
C ALA D 189 -47.52 5.20 41.14
N SER E 1 -30.50 -2.78 -10.77
CA SER E 1 -29.91 -2.56 -9.42
C SER E 1 -28.69 -1.62 -9.43
N ARG E 2 -28.21 -1.25 -10.62
CA ARG E 2 -27.06 -0.37 -10.74
C ARG E 2 -27.50 1.09 -10.79
N GLY E 3 -27.21 1.82 -9.73
CA GLY E 3 -27.63 3.21 -9.67
C GLY E 3 -26.88 4.16 -10.57
N GLY E 4 -27.53 5.24 -10.95
CA GLY E 4 -26.88 6.23 -11.79
C GLY E 4 -26.58 7.43 -10.91
N ALA E 5 -25.90 8.41 -11.47
CA ALA E 5 -25.58 9.60 -10.70
C ALA E 5 -25.61 10.82 -11.61
N SER E 6 -25.89 11.97 -11.01
CA SER E 6 -25.91 13.21 -11.73
C SER E 6 -24.46 13.56 -12.02
N GLN E 7 -24.14 13.81 -13.29
CA GLN E 7 -22.78 14.14 -13.64
C GLN E 7 -22.44 15.61 -13.36
N TYR E 8 -21.28 15.81 -12.74
CA TYR E 8 -20.78 17.13 -12.40
C TYR E 8 -20.11 17.63 -13.70
N ARG E 9 -20.67 18.68 -14.30
CA ARG E 9 -20.16 19.23 -15.57
C ARG E 9 -19.00 20.23 -15.44
N PRO E 10 -17.90 20.00 -16.17
CA PRO E 10 -16.73 20.89 -16.13
C PRO E 10 -16.99 22.22 -16.85
N SER E 11 -16.22 23.25 -16.48
CA SER E 11 -16.39 24.57 -17.10
C SER E 11 -15.33 24.93 -18.15
N GLN E 12 -15.31 26.21 -18.51
CA GLN E 12 -14.39 26.77 -19.52
C GLN E 12 -14.84 26.47 -20.96
N GLN F 1 41.51 -4.98 -3.76
CA GLN F 1 42.19 -5.20 -5.07
C GLN F 1 43.23 -6.31 -5.00
N VAL F 2 43.39 -7.02 -6.11
CA VAL F 2 44.34 -8.13 -6.18
C VAL F 2 45.59 -7.75 -6.97
N ARG F 3 46.74 -8.22 -6.50
CA ARG F 3 48.02 -7.90 -7.15
C ARG F 3 48.89 -9.12 -7.48
N GLN F 4 48.99 -9.45 -8.77
CA GLN F 4 49.83 -10.58 -9.18
C GLN F 4 51.27 -10.10 -9.38
N SER F 5 52.21 -10.73 -8.67
CA SER F 5 53.61 -10.32 -8.70
C SER F 5 54.40 -10.44 -10.02
N PRO F 6 54.92 -11.64 -10.36
CA PRO F 6 55.64 -11.66 -11.64
C PRO F 6 54.85 -11.17 -12.85
N GLN F 7 55.16 -9.95 -13.27
CA GLN F 7 54.49 -9.31 -14.41
C GLN F 7 54.49 -10.19 -15.65
N SER F 8 55.59 -10.90 -15.87
CA SER F 8 55.73 -11.82 -16.99
C SER F 8 56.77 -12.83 -16.57
N LEU F 9 56.59 -14.09 -16.97
CA LEU F 9 57.51 -15.14 -16.58
C LEU F 9 57.73 -16.19 -17.67
N THR F 10 58.99 -16.45 -17.97
CA THR F 10 59.36 -17.46 -18.96
C THR F 10 60.28 -18.43 -18.24
N VAL F 11 60.00 -19.73 -18.39
CA VAL F 11 60.78 -20.78 -17.73
C VAL F 11 60.87 -22.04 -18.60
N TRP F 12 61.98 -22.77 -18.44
CA TRP F 12 62.22 -23.99 -19.20
C TRP F 12 61.36 -25.16 -18.76
N GLU F 13 60.70 -25.77 -19.74
CA GLU F 13 59.85 -26.92 -19.51
C GLU F 13 60.40 -27.87 -18.45
N GLY F 14 59.52 -28.45 -17.65
CA GLY F 14 59.95 -29.37 -16.61
C GLY F 14 60.16 -28.76 -15.24
N GLU F 15 60.47 -27.46 -15.19
CA GLU F 15 60.69 -26.78 -13.92
C GLU F 15 59.37 -26.52 -13.21
N THR F 16 59.44 -25.85 -12.08
CA THR F 16 58.25 -25.51 -11.32
C THR F 16 58.04 -24.00 -11.43
N ALA F 17 57.05 -23.61 -12.22
CA ALA F 17 56.75 -22.21 -12.41
C ALA F 17 55.86 -21.70 -11.28
N ILE F 18 56.33 -20.68 -10.57
CA ILE F 18 55.59 -20.08 -9.45
C ILE F 18 54.84 -18.84 -9.95
N LEU F 19 53.74 -18.51 -9.29
CA LEU F 19 52.95 -17.33 -9.68
C LEU F 19 52.36 -16.71 -8.42
N ASN F 20 52.94 -15.59 -8.00
CA ASN F 20 52.49 -14.90 -6.80
C ASN F 20 51.22 -14.06 -6.95
N CYS F 21 50.53 -13.88 -5.83
CA CYS F 21 49.29 -13.11 -5.77
C CYS F 21 49.22 -12.51 -4.36
N SER F 22 48.58 -11.35 -4.24
CA SER F 22 48.44 -10.72 -2.93
C SER F 22 47.25 -9.75 -2.90
N TYR F 23 46.82 -9.41 -1.68
CA TYR F 23 45.68 -8.53 -1.52
C TYR F 23 45.69 -7.94 -0.12
N GLU F 24 44.91 -6.89 0.10
CA GLU F 24 44.86 -6.27 1.42
C GLU F 24 43.44 -6.12 1.99
N ASN F 25 42.58 -7.08 1.65
CA ASN F 25 41.21 -7.10 2.14
C ASN F 25 40.99 -8.41 2.88
N SER F 26 41.27 -8.38 4.18
CA SER F 26 41.13 -9.56 5.03
C SER F 26 39.80 -10.33 4.92
N ALA F 27 38.79 -9.72 4.32
CA ALA F 27 37.49 -10.36 4.19
C ALA F 27 37.38 -11.35 3.02
N PHE F 28 38.41 -11.39 2.16
CA PHE F 28 38.40 -12.31 1.02
C PHE F 28 38.56 -13.74 1.53
N ASP F 29 37.76 -14.67 0.99
CA ASP F 29 37.83 -16.04 1.43
C ASP F 29 37.89 -17.10 0.31
N TYR F 30 37.56 -16.69 -0.91
CA TYR F 30 37.59 -17.59 -2.06
C TYR F 30 38.57 -17.05 -3.08
N PHE F 31 39.52 -17.89 -3.53
CA PHE F 31 40.52 -17.44 -4.49
C PHE F 31 40.68 -18.37 -5.68
N PRO F 32 39.82 -18.22 -6.69
CA PRO F 32 39.90 -19.05 -7.89
C PRO F 32 40.97 -18.56 -8.88
N TRP F 33 41.67 -19.49 -9.53
CA TRP F 33 42.69 -19.14 -10.52
C TRP F 33 42.22 -19.58 -11.89
N TYR F 34 42.21 -18.65 -12.84
CA TYR F 34 41.77 -18.96 -14.19
C TYR F 34 42.93 -19.04 -15.17
N GLN F 35 42.78 -19.88 -16.19
CA GLN F 35 43.78 -20.05 -17.24
C GLN F 35 43.22 -19.56 -18.56
N GLN F 36 43.99 -18.76 -19.28
CA GLN F 36 43.52 -18.23 -20.56
C GLN F 36 44.54 -18.39 -21.70
N PHE F 37 44.08 -19.05 -22.76
CA PHE F 37 44.88 -19.27 -23.96
C PHE F 37 44.42 -18.25 -24.99
N PRO F 38 45.37 -17.48 -25.55
CA PRO F 38 45.08 -16.46 -26.55
C PRO F 38 43.93 -16.84 -27.50
N GLY F 39 42.99 -15.92 -27.67
CA GLY F 39 41.86 -16.17 -28.53
C GLY F 39 40.62 -16.68 -27.81
N GLU F 40 40.83 -17.37 -26.70
CA GLU F 40 39.71 -17.92 -25.93
C GLU F 40 39.58 -17.17 -24.61
N GLY F 41 38.42 -17.30 -23.98
CA GLY F 41 38.20 -16.64 -22.71
C GLY F 41 38.91 -17.39 -21.59
N PRO F 42 38.93 -16.86 -20.35
CA PRO F 42 39.59 -17.55 -19.25
C PRO F 42 38.79 -18.77 -18.78
N ALA F 43 39.47 -19.71 -18.14
CA ALA F 43 38.84 -20.92 -17.65
C ALA F 43 39.37 -21.25 -16.26
N LEU F 44 38.49 -21.71 -15.37
CA LEU F 44 38.88 -22.07 -14.01
C LEU F 44 39.91 -23.18 -14.03
N LEU F 45 40.99 -22.99 -13.28
CA LEU F 45 42.04 -23.98 -13.20
C LEU F 45 42.01 -24.72 -11.88
N ILE F 46 41.98 -23.95 -10.80
CA ILE F 46 41.98 -24.51 -9.45
C ILE F 46 41.69 -23.39 -8.44
N SER F 47 40.79 -23.66 -7.50
CA SER F 47 40.44 -22.65 -6.49
C SER F 47 40.68 -23.16 -5.08
N ILE F 48 40.74 -22.24 -4.14
CA ILE F 48 40.97 -22.57 -2.74
C ILE F 48 40.19 -21.64 -1.81
N LEU F 49 39.87 -22.12 -0.61
CA LEU F 49 39.17 -21.30 0.37
C LEU F 49 40.16 -20.95 1.47
N SER F 50 40.04 -19.73 1.99
CA SER F 50 40.95 -19.24 3.03
C SER F 50 41.04 -20.18 4.23
N VAL F 51 40.26 -21.25 4.22
CA VAL F 51 40.25 -22.21 5.30
C VAL F 51 41.47 -23.13 5.23
N SER F 52 41.77 -23.64 4.04
CA SER F 52 42.91 -24.52 3.85
C SER F 52 44.08 -23.71 3.30
N ASP F 53 45.30 -24.06 3.70
CA ASP F 53 46.48 -23.34 3.24
C ASP F 53 47.21 -24.08 2.11
N LYS F 54 46.61 -25.15 1.63
CA LYS F 54 47.20 -25.94 0.57
C LYS F 54 46.10 -26.64 -0.21
N LYS F 55 46.20 -26.59 -1.53
CA LYS F 55 45.23 -27.21 -2.41
C LYS F 55 45.92 -27.66 -3.68
N GLU F 56 46.05 -28.98 -3.85
CA GLU F 56 46.72 -29.51 -5.03
C GLU F 56 45.83 -30.41 -5.86
N ASP F 57 46.01 -30.34 -7.17
CA ASP F 57 45.26 -31.13 -8.13
C ASP F 57 46.14 -31.27 -9.37
N GLY F 58 46.94 -32.33 -9.39
CA GLY F 58 47.83 -32.56 -10.52
C GLY F 58 49.14 -31.83 -10.29
N ARG F 59 49.67 -31.20 -11.34
CA ARG F 59 50.92 -30.45 -11.24
C ARG F 59 50.68 -29.13 -10.53
N PHE F 60 49.46 -28.62 -10.65
CA PHE F 60 49.04 -27.35 -10.07
C PHE F 60 48.76 -27.47 -8.56
N THR F 61 49.33 -26.54 -7.78
CA THR F 61 49.14 -26.55 -6.34
C THR F 61 49.11 -25.15 -5.74
N ILE F 62 47.93 -24.74 -5.28
CA ILE F 62 47.79 -23.42 -4.67
C ILE F 62 48.27 -23.44 -3.22
N PHE F 63 49.07 -22.45 -2.85
CA PHE F 63 49.55 -22.32 -1.47
C PHE F 63 49.00 -20.99 -1.01
N PHE F 64 48.17 -21.04 0.03
CA PHE F 64 47.55 -19.83 0.57
C PHE F 64 48.13 -19.46 1.93
N ASN F 65 48.58 -18.22 2.07
CA ASN F 65 49.11 -17.78 3.36
C ASN F 65 48.13 -16.79 3.96
N LYS F 66 47.26 -17.30 4.82
CA LYS F 66 46.24 -16.50 5.50
C LYS F 66 46.78 -15.13 5.91
N ARG F 67 47.56 -15.11 6.99
CA ARG F 67 48.14 -13.85 7.44
C ARG F 67 49.11 -13.42 6.36
N GLU F 68 49.51 -12.16 6.39
CA GLU F 68 50.42 -11.63 5.38
C GLU F 68 49.68 -11.56 4.03
N LYS F 69 48.50 -12.17 4.00
CA LYS F 69 47.62 -12.21 2.83
C LYS F 69 48.36 -12.42 1.50
N LYS F 70 49.29 -13.37 1.51
CA LYS F 70 50.04 -13.73 0.31
C LYS F 70 49.38 -14.97 -0.28
N LEU F 71 49.71 -15.28 -1.52
CA LEU F 71 49.11 -16.42 -2.20
C LEU F 71 49.92 -16.71 -3.45
N SER F 72 50.30 -17.96 -3.67
CA SER F 72 51.06 -18.31 -4.86
C SER F 72 50.65 -19.64 -5.49
N LEU F 73 50.70 -19.69 -6.83
CA LEU F 73 50.34 -20.91 -7.56
C LEU F 73 51.58 -21.57 -8.16
N HIS F 74 51.79 -22.85 -7.84
CA HIS F 74 52.94 -23.57 -8.36
C HIS F 74 52.54 -24.59 -9.41
N ILE F 75 53.10 -24.45 -10.60
CA ILE F 75 52.85 -25.40 -11.67
C ILE F 75 54.13 -26.22 -11.76
N ALA F 76 54.15 -27.36 -11.06
CA ALA F 76 55.30 -28.24 -11.04
C ALA F 76 55.39 -29.00 -12.36
N ASP F 77 56.60 -29.38 -12.74
CA ASP F 77 56.79 -30.10 -13.99
C ASP F 77 56.05 -29.32 -15.09
N SER F 78 56.63 -28.19 -15.49
CA SER F 78 56.02 -27.34 -16.50
C SER F 78 55.76 -28.09 -17.81
N GLN F 79 55.49 -27.35 -18.87
CA GLN F 79 55.21 -27.97 -20.16
C GLN F 79 54.79 -26.96 -21.21
N PRO F 80 55.35 -27.05 -22.43
CA PRO F 80 55.00 -26.12 -23.49
C PRO F 80 53.54 -26.33 -23.91
N GLY F 81 52.65 -26.15 -22.95
CA GLY F 81 51.23 -26.30 -23.19
C GLY F 81 50.58 -25.45 -22.13
N ASP F 82 51.32 -25.28 -21.03
CA ASP F 82 50.89 -24.49 -19.88
C ASP F 82 51.22 -23.04 -20.15
N SER F 83 51.32 -22.75 -21.43
CA SER F 83 51.65 -21.43 -21.86
C SER F 83 50.50 -20.48 -22.16
N ALA F 84 50.09 -19.69 -21.18
CA ALA F 84 49.05 -18.70 -21.42
C ALA F 84 49.09 -17.75 -20.24
N THR F 85 48.01 -17.02 -20.01
CA THR F 85 47.97 -16.10 -18.89
C THR F 85 47.12 -16.68 -17.75
N TYR F 86 47.62 -16.52 -16.53
CA TYR F 86 46.94 -17.01 -15.34
C TYR F 86 46.47 -15.88 -14.43
N PHE F 87 45.16 -15.74 -14.30
CA PHE F 87 44.56 -14.71 -13.47
C PHE F 87 44.20 -15.23 -12.09
N CYS F 88 44.54 -14.44 -11.07
CA CYS F 88 44.26 -14.79 -9.68
C CYS F 88 43.13 -13.89 -9.18
N ALA F 89 41.99 -14.51 -8.86
CA ALA F 89 40.84 -13.77 -8.40
C ALA F 89 40.57 -14.00 -6.91
N ALA F 90 39.68 -13.18 -6.35
CA ALA F 90 39.30 -13.26 -4.95
C ALA F 90 37.90 -12.68 -4.75
N SER F 91 37.19 -13.18 -3.74
CA SER F 91 35.86 -12.70 -3.44
C SER F 91 35.71 -12.63 -1.93
N ALA F 92 34.89 -11.68 -1.46
CA ALA F 92 34.68 -11.48 -0.02
C ALA F 92 33.64 -12.40 0.61
N ASN F 93 33.71 -12.53 1.93
CA ASN F 93 32.78 -13.37 2.69
C ASN F 93 31.37 -12.80 2.63
N SER F 94 31.26 -11.52 2.24
CA SER F 94 29.94 -10.92 2.07
C SER F 94 29.53 -11.55 0.72
N GLY F 95 28.39 -11.48 0.10
CA GLY F 95 28.49 -12.33 -1.10
C GLY F 95 28.81 -11.57 -2.39
N THR F 96 29.71 -10.58 -2.27
CA THR F 96 30.16 -9.63 -3.31
C THR F 96 30.86 -10.29 -4.47
N TYR F 97 30.92 -9.61 -5.61
CA TYR F 97 31.54 -10.21 -6.77
C TYR F 97 33.05 -10.32 -6.79
N GLN F 98 33.55 -11.24 -7.62
CA GLN F 98 34.98 -11.51 -7.80
C GLN F 98 35.80 -10.35 -8.35
N ARG F 99 36.97 -10.13 -7.75
CA ARG F 99 37.86 -9.08 -8.20
C ARG F 99 39.01 -9.81 -8.87
N PHE F 100 39.28 -9.49 -10.13
CA PHE F 100 40.37 -10.14 -10.86
C PHE F 100 41.68 -9.38 -10.77
N GLY F 101 42.78 -10.12 -10.74
CA GLY F 101 44.10 -9.50 -10.67
C GLY F 101 44.63 -9.04 -12.02
N THR F 102 45.87 -8.54 -12.00
CA THR F 102 46.54 -8.06 -13.21
C THR F 102 46.73 -9.18 -14.23
N GLY F 103 47.35 -10.26 -13.78
CA GLY F 103 47.59 -11.39 -14.66
C GLY F 103 49.08 -11.58 -14.90
N THR F 104 49.48 -12.84 -15.06
CA THR F 104 50.88 -13.20 -15.32
C THR F 104 50.97 -14.05 -16.57
N LYS F 105 51.83 -13.64 -17.51
CA LYS F 105 52.03 -14.39 -18.74
C LYS F 105 53.18 -15.36 -18.51
N LEU F 106 52.91 -16.64 -18.76
CA LEU F 106 53.92 -17.69 -18.58
C LEU F 106 54.32 -18.38 -19.88
N GLN F 107 55.62 -18.58 -20.06
CA GLN F 107 56.17 -19.24 -21.23
C GLN F 107 56.98 -20.47 -20.85
N VAL F 108 56.63 -21.60 -21.43
CA VAL F 108 57.36 -22.84 -21.19
C VAL F 108 58.11 -23.15 -22.47
N VAL F 109 59.43 -22.98 -22.43
CA VAL F 109 60.28 -23.21 -23.58
C VAL F 109 60.96 -24.58 -23.51
N PRO F 110 60.98 -25.32 -24.64
CA PRO F 110 61.59 -26.64 -24.72
C PRO F 110 63.04 -26.67 -24.22
N ALA G 1 30.38 -22.86 -21.96
CA ALA G 1 29.09 -22.99 -22.72
C ALA G 1 28.36 -21.64 -22.81
N VAL G 2 29.12 -20.58 -23.07
CA VAL G 2 28.56 -19.24 -23.18
C VAL G 2 28.78 -18.68 -24.58
N THR G 3 27.82 -17.90 -25.09
CA THR G 3 27.93 -17.33 -26.43
C THR G 3 27.86 -15.81 -26.53
N GLN G 4 28.71 -15.24 -27.39
CA GLN G 4 28.73 -13.81 -27.61
C GLN G 4 28.58 -13.53 -29.10
N SER G 5 27.55 -12.76 -29.46
CA SER G 5 27.28 -12.43 -30.84
C SER G 5 28.47 -11.75 -31.54
N PRO G 6 28.51 -10.40 -31.58
CA PRO G 6 29.69 -9.86 -32.27
C PRO G 6 30.99 -10.50 -31.82
N ARG G 7 31.59 -11.31 -32.70
CA ARG G 7 32.84 -11.96 -32.36
C ARG G 7 34.02 -11.07 -32.78
N ASN G 8 33.76 -10.21 -33.77
CA ASN G 8 34.76 -9.28 -34.28
C ASN G 8 34.04 -8.12 -34.96
N LYS G 9 33.86 -7.02 -34.24
CA LYS G 9 33.15 -5.86 -34.77
C LYS G 9 34.04 -4.63 -34.81
N VAL G 10 33.84 -3.81 -35.83
CA VAL G 10 34.59 -2.56 -36.00
C VAL G 10 33.60 -1.46 -36.38
N ALA G 11 33.61 -0.37 -35.62
CA ALA G 11 32.69 0.74 -35.90
C ALA G 11 33.35 2.11 -35.90
N VAL G 12 32.54 3.11 -36.24
CA VAL G 12 32.98 4.50 -36.32
C VAL G 12 32.92 5.12 -34.93
N THR G 13 33.86 6.01 -34.63
CA THR G 13 33.91 6.70 -33.34
C THR G 13 32.63 7.52 -33.17
N GLY G 14 31.56 6.87 -32.71
CA GLY G 14 30.29 7.55 -32.52
C GLY G 14 29.12 6.63 -32.79
N GLU G 15 29.42 5.41 -33.22
CA GLU G 15 28.36 4.44 -33.53
C GLU G 15 27.78 3.83 -32.27
N LYS G 16 26.62 3.21 -32.40
CA LYS G 16 25.94 2.56 -31.29
C LYS G 16 26.17 1.05 -31.38
N VAL G 17 27.18 0.57 -30.66
CA VAL G 17 27.52 -0.85 -30.67
C VAL G 17 26.70 -1.61 -29.63
N THR G 18 26.51 -2.90 -29.86
CA THR G 18 25.75 -3.73 -28.94
C THR G 18 26.22 -5.19 -28.94
N LEU G 19 27.18 -5.48 -28.07
CA LEU G 19 27.71 -6.83 -27.95
C LEU G 19 26.76 -7.64 -27.10
N SER G 20 25.90 -8.43 -27.73
CA SER G 20 24.95 -9.25 -26.97
C SER G 20 25.56 -10.59 -26.54
N CYS G 21 25.00 -11.19 -25.49
CA CYS G 21 25.50 -12.45 -24.97
C CYS G 21 24.39 -13.44 -24.65
N ASN G 22 24.77 -14.71 -24.51
CA ASN G 22 23.80 -15.76 -24.23
C ASN G 22 24.47 -16.95 -23.57
N GLN G 23 23.81 -17.54 -22.57
CA GLN G 23 24.35 -18.71 -21.85
C GLN G 23 23.25 -19.72 -21.50
N THR G 24 23.56 -21.02 -21.67
CA THR G 24 22.61 -22.08 -21.40
C THR G 24 22.82 -22.76 -20.05
N ASN G 25 23.82 -22.29 -19.29
CA ASN G 25 24.14 -22.85 -17.98
C ASN G 25 23.01 -22.66 -16.98
N ASN G 26 22.02 -21.86 -17.37
CA ASN G 26 20.87 -21.58 -16.51
C ASN G 26 21.34 -20.98 -15.19
N HIS G 27 22.46 -20.27 -15.24
CA HIS G 27 23.01 -19.60 -14.06
C HIS G 27 22.18 -18.36 -13.78
N ASN G 28 22.12 -17.95 -12.52
CA ASN G 28 21.32 -16.77 -12.19
C ASN G 28 21.94 -15.43 -12.55
N ASN G 29 23.25 -15.27 -12.42
CA ASN G 29 23.79 -13.98 -12.78
C ASN G 29 24.86 -14.01 -13.87
N MET G 30 24.87 -12.94 -14.68
CA MET G 30 25.82 -12.79 -15.78
C MET G 30 26.68 -11.54 -15.61
N TYR G 31 27.78 -11.47 -16.34
CA TYR G 31 28.69 -10.34 -16.25
C TYR G 31 29.08 -9.83 -17.63
N TRP G 32 30.00 -8.86 -17.63
CA TRP G 32 30.52 -8.24 -18.85
C TRP G 32 31.82 -7.49 -18.52
N TYR G 33 32.95 -8.11 -18.88
CA TYR G 33 34.27 -7.53 -18.62
C TYR G 33 34.88 -7.00 -19.90
N ARG G 34 36.12 -6.55 -19.79
CA ARG G 34 36.89 -6.08 -20.93
C ARG G 34 38.37 -6.20 -20.56
N GLN G 35 39.09 -7.00 -21.33
CA GLN G 35 40.51 -7.21 -21.07
C GLN G 35 41.33 -6.20 -21.83
N ASP G 36 42.35 -5.66 -21.16
CA ASP G 36 43.24 -4.67 -21.73
C ASP G 36 44.61 -4.86 -21.12
N THR G 37 45.64 -4.94 -21.95
CA THR G 37 47.00 -5.10 -21.44
C THR G 37 47.28 -4.07 -20.36
N GLY G 38 47.64 -4.55 -19.18
CA GLY G 38 47.91 -3.68 -18.05
C GLY G 38 46.99 -4.00 -16.90
N HIS G 39 45.70 -3.85 -17.13
CA HIS G 39 44.69 -4.15 -16.11
C HIS G 39 43.75 -5.26 -16.56
N GLY G 40 44.22 -6.50 -16.40
CA GLY G 40 43.48 -7.69 -16.78
C GLY G 40 42.00 -7.54 -17.08
N LEU G 41 41.17 -8.27 -16.35
CA LEU G 41 39.73 -8.20 -16.54
C LEU G 41 39.16 -7.18 -15.57
N ARG G 42 38.43 -6.21 -16.11
CA ARG G 42 37.81 -5.19 -15.29
C ARG G 42 36.32 -5.35 -15.51
N LEU G 43 35.57 -5.48 -14.42
CA LEU G 43 34.13 -5.65 -14.52
C LEU G 43 33.48 -4.34 -14.92
N ILE G 44 32.47 -4.41 -15.78
CA ILE G 44 31.77 -3.21 -16.25
C ILE G 44 30.35 -3.13 -15.72
N TYR G 45 29.54 -4.10 -16.09
CA TYR G 45 28.15 -4.20 -15.65
C TYR G 45 27.79 -5.66 -15.45
N TYR G 46 27.02 -5.96 -14.40
CA TYR G 46 26.63 -7.34 -14.14
C TYR G 46 25.16 -7.42 -13.72
N SER G 47 24.57 -8.60 -13.81
CA SER G 47 23.15 -8.75 -13.47
C SER G 47 22.84 -9.91 -12.53
N TYR G 48 21.74 -9.79 -11.80
CA TYR G 48 21.32 -10.84 -10.87
C TYR G 48 20.21 -11.71 -11.42
N GLY G 49 19.61 -11.32 -12.55
CA GLY G 49 18.57 -12.12 -13.13
C GLY G 49 17.47 -11.51 -13.98
N ALA G 50 16.43 -11.01 -13.32
CA ALA G 50 15.25 -10.49 -13.98
C ALA G 50 15.30 -9.27 -14.84
N GLY G 51 15.66 -8.17 -14.27
CA GLY G 51 15.65 -6.99 -15.11
C GLY G 51 16.57 -6.18 -14.29
N SER G 52 17.51 -6.96 -13.79
CA SER G 52 18.55 -6.52 -12.92
C SER G 52 19.81 -6.11 -13.63
N THR G 53 20.42 -5.05 -13.12
CA THR G 53 21.68 -4.54 -13.66
C THR G 53 22.39 -3.73 -12.58
N GLU G 54 23.63 -4.09 -12.30
CA GLU G 54 24.42 -3.40 -11.28
C GLU G 54 25.76 -2.95 -11.86
N LYS G 55 26.17 -1.74 -11.52
CA LYS G 55 27.43 -1.22 -12.01
C LYS G 55 28.61 -1.99 -11.42
N GLY G 56 29.67 -2.13 -12.21
CA GLY G 56 30.85 -2.82 -11.75
C GLY G 56 31.88 -1.78 -11.39
N ASP G 57 33.03 -1.81 -12.06
CA ASP G 57 34.06 -0.82 -11.77
C ASP G 57 34.13 0.27 -12.84
N ILE G 58 34.04 -0.11 -14.11
CA ILE G 58 34.11 0.86 -15.18
C ILE G 58 32.84 0.87 -16.02
N PRO G 59 31.68 1.08 -15.38
CA PRO G 59 30.41 1.09 -16.11
C PRO G 59 30.24 2.33 -16.99
N ASP G 60 31.19 3.26 -16.88
CA ASP G 60 31.14 4.52 -17.63
C ASP G 60 31.18 4.32 -19.14
N GLY G 61 30.19 4.90 -19.83
CA GLY G 61 30.12 4.81 -21.27
C GLY G 61 29.27 3.66 -21.75
N TYR G 62 28.90 2.78 -20.84
CA TYR G 62 28.08 1.63 -21.19
C TYR G 62 26.79 1.55 -20.39
N LYS G 63 26.00 0.55 -20.76
CA LYS G 63 24.75 0.27 -20.10
C LYS G 63 24.53 -1.21 -20.41
N ALA G 64 23.70 -1.87 -19.60
CA ALA G 64 23.44 -3.27 -19.84
C ALA G 64 21.95 -3.57 -19.80
N SER G 65 21.56 -4.66 -20.45
CA SER G 65 20.17 -5.08 -20.49
C SER G 65 20.14 -6.59 -20.32
N ARG G 66 19.42 -7.07 -19.32
CA ARG G 66 19.31 -8.49 -19.04
C ARG G 66 17.82 -8.86 -19.09
N PRO G 67 17.23 -8.81 -20.30
CA PRO G 67 15.82 -9.10 -20.60
C PRO G 67 15.34 -10.50 -20.27
N SER G 68 16.28 -11.41 -20.04
CA SER G 68 15.92 -12.80 -19.71
C SER G 68 17.07 -13.56 -19.07
N GLN G 69 16.75 -14.72 -18.52
CA GLN G 69 17.74 -15.57 -17.86
C GLN G 69 19.04 -15.75 -18.62
N GLU G 70 18.96 -16.05 -19.92
CA GLU G 70 20.17 -16.29 -20.71
C GLU G 70 20.62 -15.19 -21.68
N ASN G 71 20.01 -14.02 -21.60
CA ASN G 71 20.39 -12.90 -22.48
C ASN G 71 20.89 -11.68 -21.71
N PHE G 72 22.16 -11.33 -21.95
CA PHE G 72 22.76 -10.18 -21.29
C PHE G 72 23.61 -9.40 -22.28
N SER G 73 23.06 -8.31 -22.80
CA SER G 73 23.76 -7.49 -23.77
C SER G 73 24.42 -6.25 -23.19
N LEU G 74 25.46 -5.79 -23.90
CA LEU G 74 26.21 -4.60 -23.52
C LEU G 74 26.07 -3.62 -24.69
N THR G 75 25.61 -2.42 -24.39
CA THR G 75 25.40 -1.40 -25.42
C THR G 75 26.17 -0.11 -25.22
N LEU G 76 26.95 0.27 -26.22
CA LEU G 76 27.74 1.49 -26.20
C LEU G 76 27.04 2.48 -27.11
N GLU G 77 26.38 3.48 -26.52
CA GLU G 77 25.63 4.46 -27.29
C GLU G 77 26.45 5.41 -28.15
N SER G 78 27.74 5.53 -27.86
CA SER G 78 28.61 6.41 -28.64
C SER G 78 30.04 5.90 -28.58
N ALA G 79 30.32 4.85 -29.34
CA ALA G 79 31.63 4.24 -29.37
C ALA G 79 32.74 5.29 -29.29
N THR G 80 33.78 5.00 -28.53
CA THR G 80 34.90 5.91 -28.35
C THR G 80 36.22 5.15 -28.49
N PRO G 81 37.25 5.82 -29.00
CA PRO G 81 38.58 5.22 -29.18
C PRO G 81 39.11 4.49 -27.95
N SER G 82 38.74 4.94 -26.77
CA SER G 82 39.21 4.29 -25.55
C SER G 82 38.41 3.02 -25.24
N GLN G 83 37.22 2.91 -25.81
CA GLN G 83 36.39 1.74 -25.61
C GLN G 83 36.79 0.57 -26.53
N THR G 84 38.03 0.54 -27.03
CA THR G 84 38.47 -0.50 -27.99
C THR G 84 39.31 -1.67 -27.46
N SER G 85 38.67 -2.80 -27.17
CA SER G 85 39.40 -3.93 -26.62
C SER G 85 38.47 -5.09 -26.42
N VAL G 86 39.01 -6.28 -26.39
CA VAL G 86 38.17 -7.44 -26.25
C VAL G 86 37.25 -7.54 -25.01
N TYR G 87 35.95 -7.70 -25.26
CA TYR G 87 34.96 -7.84 -24.19
C TYR G 87 34.54 -9.29 -23.99
N PHE G 88 34.56 -9.73 -22.74
CA PHE G 88 34.18 -11.08 -22.41
C PHE G 88 32.87 -11.11 -21.63
N CYS G 89 32.08 -12.13 -21.88
CA CYS G 89 30.80 -12.30 -21.21
C CYS G 89 30.96 -13.45 -20.23
N ALA G 90 30.15 -13.46 -19.17
CA ALA G 90 30.27 -14.55 -18.19
C ALA G 90 28.97 -14.83 -17.45
N SER G 91 28.85 -16.05 -16.95
CA SER G 91 27.68 -16.46 -16.20
C SER G 91 28.19 -17.27 -15.01
N GLY G 92 27.41 -17.25 -13.93
CA GLY G 92 27.79 -17.98 -12.72
C GLY G 92 26.61 -18.06 -11.77
N ASP G 93 26.78 -18.78 -10.67
CA ASP G 93 25.72 -18.92 -9.68
C ASP G 93 25.59 -17.65 -8.83
N ALA G 94 24.37 -17.30 -8.46
CA ALA G 94 24.08 -16.11 -7.66
C ALA G 94 24.94 -16.00 -6.42
N GLY G 95 26.14 -15.46 -6.58
CA GLY G 95 27.01 -15.32 -5.44
C GLY G 95 28.25 -14.47 -5.66
N GLY G 96 29.29 -15.10 -6.18
CA GLY G 96 30.54 -14.40 -6.42
C GLY G 96 31.64 -15.30 -5.92
N GLY G 97 31.29 -16.17 -4.98
CA GLY G 97 32.24 -17.12 -4.44
C GLY G 97 32.09 -18.40 -5.25
N TYR G 98 31.49 -18.26 -6.43
CA TYR G 98 31.26 -19.37 -7.34
C TYR G 98 32.09 -19.21 -8.61
N GLU G 99 32.40 -20.32 -9.25
CA GLU G 99 33.17 -20.31 -10.49
C GLU G 99 32.41 -19.60 -11.60
N GLN G 100 33.12 -18.80 -12.39
CA GLN G 100 32.49 -18.09 -13.48
C GLN G 100 32.88 -18.68 -14.83
N TYR G 101 31.90 -18.75 -15.73
CA TYR G 101 32.10 -19.31 -17.06
C TYR G 101 32.11 -18.22 -18.11
N PHE G 102 33.30 -17.98 -18.66
CA PHE G 102 33.50 -16.95 -19.67
C PHE G 102 33.12 -17.35 -21.10
N GLY G 103 32.85 -16.36 -21.94
CA GLY G 103 32.51 -16.62 -23.32
C GLY G 103 33.75 -16.62 -24.19
N PRO G 104 33.62 -16.91 -25.49
CA PRO G 104 34.79 -16.92 -26.37
C PRO G 104 35.56 -15.59 -26.33
N GLY G 105 34.84 -14.50 -26.59
CA GLY G 105 35.47 -13.18 -26.59
C GLY G 105 34.86 -12.32 -27.66
N THR G 106 35.33 -11.07 -27.76
CA THR G 106 34.84 -10.12 -28.76
C THR G 106 35.79 -8.95 -28.95
N ARG G 107 36.40 -8.86 -30.12
CA ARG G 107 37.34 -7.77 -30.41
C ARG G 107 36.64 -6.65 -31.16
N LEU G 108 36.66 -5.46 -30.55
CA LEU G 108 36.01 -4.29 -31.12
C LEU G 108 37.03 -3.20 -31.36
N THR G 109 36.92 -2.54 -32.51
CA THR G 109 37.82 -1.45 -32.88
C THR G 109 36.98 -0.29 -33.45
N VAL G 110 37.09 0.88 -32.83
CA VAL G 110 36.35 2.06 -33.25
C VAL G 110 37.12 2.99 -34.20
N LEU G 111 38.42 3.12 -33.95
CA LEU G 111 39.30 3.94 -34.77
C LEU G 111 39.00 5.44 -34.61
N ILE H 1 18.36 -24.37 20.00
CA ILE H 1 19.75 -24.46 20.54
C ILE H 1 19.98 -23.37 21.58
N GLU H 2 21.02 -23.54 22.39
CA GLU H 2 21.36 -22.57 23.43
C GLU H 2 22.82 -22.16 23.31
N ALA H 3 23.08 -20.87 23.49
CA ALA H 3 24.44 -20.31 23.40
C ALA H 3 24.53 -18.99 24.16
N ASP H 4 25.75 -18.53 24.42
CA ASP H 4 25.94 -17.26 25.14
C ASP H 4 25.70 -16.08 24.20
N HIS H 5 25.80 -16.35 22.90
CA HIS H 5 25.59 -15.33 21.90
C HIS H 5 25.08 -15.96 20.62
N VAL H 6 24.27 -15.23 19.87
CA VAL H 6 23.70 -15.74 18.64
C VAL H 6 23.74 -14.70 17.53
N GLY H 7 24.43 -15.02 16.44
CA GLY H 7 24.52 -14.08 15.34
C GLY H 7 23.79 -14.55 14.10
N SER H 8 22.94 -13.69 13.54
CA SER H 8 22.20 -13.99 12.34
C SER H 8 22.70 -13.03 11.29
N TYR H 9 23.74 -13.43 10.59
CA TYR H 9 24.33 -12.57 9.57
C TYR H 9 23.76 -12.76 8.18
N GLY H 10 22.65 -12.11 7.90
CA GLY H 10 22.08 -12.22 6.56
C GLY H 10 20.70 -12.81 6.39
N ILE H 11 19.78 -12.46 7.28
CA ILE H 11 18.41 -12.97 7.19
C ILE H 11 17.75 -12.43 5.93
N VAL H 12 17.21 -13.32 5.11
CA VAL H 12 16.53 -12.90 3.88
C VAL H 12 15.03 -13.19 3.98
N VAL H 13 14.22 -12.26 3.50
CA VAL H 13 12.77 -12.44 3.49
C VAL H 13 12.24 -11.94 2.15
N TYR H 14 11.72 -12.84 1.32
CA TYR H 14 11.20 -12.41 0.02
C TYR H 14 9.79 -12.92 -0.19
N GLN H 15 8.90 -12.01 -0.55
CA GLN H 15 7.51 -12.37 -0.74
C GLN H 15 6.85 -11.72 -1.96
N SER H 16 5.78 -12.34 -2.43
CA SER H 16 5.04 -11.84 -3.58
C SER H 16 3.54 -12.06 -3.34
N PRO H 17 2.70 -11.28 -4.02
CA PRO H 17 3.07 -10.24 -4.99
C PRO H 17 3.75 -9.02 -4.41
N GLY H 18 4.39 -8.24 -5.30
CA GLY H 18 5.07 -7.02 -4.91
C GLY H 18 6.59 -7.11 -4.81
N ASP H 19 7.14 -8.33 -4.90
CA ASP H 19 8.58 -8.53 -4.78
C ASP H 19 9.10 -7.78 -3.55
N ILE H 20 8.35 -7.90 -2.47
CA ILE H 20 8.68 -7.26 -1.19
C ILE H 20 9.81 -8.01 -0.50
N GLY H 21 10.93 -7.34 -0.29
CA GLY H 21 12.05 -8.01 0.38
C GLY H 21 12.60 -7.28 1.60
N GLN H 22 13.36 -8.00 2.40
CA GLN H 22 13.99 -7.44 3.61
C GLN H 22 15.28 -8.22 3.86
N TYR H 23 16.37 -7.50 4.16
CA TYR H 23 17.66 -8.13 4.42
C TYR H 23 18.19 -7.56 5.73
N THR H 24 18.41 -8.40 6.73
CA THR H 24 18.89 -7.92 8.02
C THR H 24 19.99 -8.74 8.70
N PHE H 25 20.64 -8.10 9.66
CA PHE H 25 21.70 -8.70 10.47
C PHE H 25 21.26 -8.52 11.92
N GLU H 26 21.25 -9.60 12.69
CA GLU H 26 20.86 -9.56 14.09
C GLU H 26 21.96 -10.14 14.97
N PHE H 27 22.10 -9.62 16.17
CA PHE H 27 23.06 -10.14 17.13
C PHE H 27 22.33 -10.15 18.47
N ASP H 28 22.19 -11.33 19.06
CA ASP H 28 21.49 -11.47 20.33
C ASP H 28 20.07 -10.88 20.31
N GLY H 29 19.38 -11.02 19.18
CA GLY H 29 18.02 -10.53 19.10
C GLY H 29 17.83 -9.07 18.73
N ASP H 30 18.91 -8.30 18.69
CA ASP H 30 18.82 -6.90 18.34
C ASP H 30 19.25 -6.68 16.90
N GLU H 31 18.69 -5.66 16.27
CA GLU H 31 19.00 -5.36 14.88
C GLU H 31 20.28 -4.55 14.70
N LEU H 32 21.26 -5.13 14.01
CA LEU H 32 22.50 -4.41 13.74
C LEU H 32 22.19 -3.43 12.61
N PHE H 33 21.53 -3.93 11.58
CA PHE H 33 21.18 -3.11 10.43
C PHE H 33 20.30 -3.87 9.44
N TYR H 34 19.78 -3.14 8.46
CA TYR H 34 18.98 -3.74 7.41
C TYR H 34 19.53 -3.06 6.17
N VAL H 35 19.46 -3.73 5.02
CA VAL H 35 19.96 -3.11 3.81
C VAL H 35 18.79 -2.50 3.05
N ASP H 36 18.88 -1.20 2.79
CA ASP H 36 17.84 -0.47 2.05
C ASP H 36 18.05 -0.82 0.59
N LEU H 37 17.25 -1.75 0.08
CA LEU H 37 17.33 -2.25 -1.29
C LEU H 37 17.08 -1.21 -2.38
N ASP H 38 16.31 -0.17 -2.06
CA ASP H 38 16.02 0.87 -3.02
C ASP H 38 17.24 1.77 -3.13
N LYS H 39 17.68 2.29 -1.99
CA LYS H 39 18.83 3.18 -1.94
C LYS H 39 20.15 2.40 -2.03
N LYS H 40 20.06 1.07 -1.93
CA LYS H 40 21.25 0.22 -1.98
C LYS H 40 22.26 0.73 -0.94
N GLU H 41 21.88 0.68 0.34
CA GLU H 41 22.74 1.18 1.41
C GLU H 41 22.50 0.43 2.73
N THR H 42 23.58 0.18 3.47
CA THR H 42 23.49 -0.49 4.78
C THR H 42 23.04 0.55 5.82
N ILE H 43 21.93 0.29 6.50
CA ILE H 43 21.39 1.22 7.50
C ILE H 43 21.53 0.70 8.92
N TRP H 44 22.54 1.18 9.62
CA TRP H 44 22.83 0.75 11.00
C TRP H 44 21.91 1.38 12.05
N MET H 45 21.53 0.60 13.06
CA MET H 45 20.66 1.13 14.12
C MET H 45 21.47 2.02 15.08
N LEU H 46 22.63 1.54 15.50
CA LEU H 46 23.50 2.31 16.37
C LEU H 46 24.59 2.90 15.46
N PRO H 47 24.54 4.22 15.21
CA PRO H 47 25.53 4.86 14.34
C PRO H 47 26.97 4.62 14.80
N GLU H 48 27.21 4.68 16.11
CA GLU H 48 28.56 4.45 16.62
C GLU H 48 29.08 3.14 16.10
N PHE H 49 28.20 2.17 15.85
CA PHE H 49 28.63 0.88 15.32
C PHE H 49 29.14 1.02 13.91
N ALA H 50 28.47 1.85 13.11
CA ALA H 50 28.86 2.08 11.73
C ALA H 50 30.29 2.66 11.66
N GLN H 51 30.73 3.28 12.75
CA GLN H 51 32.08 3.86 12.79
C GLN H 51 33.15 2.78 12.99
N LEU H 52 32.74 1.61 13.50
CA LEU H 52 33.70 0.55 13.78
C LEU H 52 33.62 -0.71 12.91
N ARG H 53 32.52 -0.89 12.18
CA ARG H 53 32.34 -2.08 11.34
C ARG H 53 31.51 -1.72 10.13
N SER H 54 31.43 -2.63 9.16
CA SER H 54 30.67 -2.35 7.95
C SER H 54 30.17 -3.59 7.23
N PHE H 55 29.38 -3.38 6.20
CA PHE H 55 28.83 -4.45 5.38
C PHE H 55 28.44 -3.90 4.02
N ASP H 56 28.95 -4.53 2.97
CA ASP H 56 28.66 -4.11 1.59
C ASP H 56 27.20 -4.45 1.28
N PRO H 57 26.39 -3.43 0.94
CA PRO H 57 24.97 -3.63 0.62
C PRO H 57 24.74 -4.59 -0.56
N GLN H 58 25.73 -4.67 -1.45
CA GLN H 58 25.58 -5.54 -2.60
C GLN H 58 25.36 -6.95 -2.05
N GLY H 59 25.97 -7.23 -0.89
CA GLY H 59 25.82 -8.52 -0.26
C GLY H 59 24.35 -8.82 -0.06
N GLY H 60 23.63 -7.81 0.42
CA GLY H 60 22.22 -7.96 0.67
C GLY H 60 21.43 -8.11 -0.62
N LEU H 61 21.77 -7.30 -1.62
CA LEU H 61 21.09 -7.35 -2.93
C LEU H 61 21.28 -8.71 -3.62
N GLN H 62 22.47 -9.28 -3.54
CA GLN H 62 22.73 -10.58 -4.16
C GLN H 62 21.78 -11.63 -3.58
N ASN H 63 21.81 -11.78 -2.25
CA ASN H 63 20.97 -12.76 -1.57
C ASN H 63 19.48 -12.47 -1.67
N ILE H 64 19.12 -11.22 -1.92
CA ILE H 64 17.72 -10.87 -2.07
C ILE H 64 17.27 -11.46 -3.41
N ALA H 65 18.13 -11.35 -4.42
CA ALA H 65 17.84 -11.88 -5.75
C ALA H 65 17.67 -13.40 -5.69
N THR H 66 18.36 -14.04 -4.76
CA THR H 66 18.27 -15.48 -4.60
C THR H 66 16.93 -15.82 -3.94
N GLY H 67 16.46 -14.92 -3.08
CA GLY H 67 15.19 -15.13 -2.42
C GLY H 67 14.10 -15.05 -3.47
N LYS H 68 14.27 -14.11 -4.41
CA LYS H 68 13.32 -13.93 -5.49
C LYS H 68 13.33 -15.21 -6.32
N HIS H 69 14.50 -15.82 -6.43
CA HIS H 69 14.67 -17.05 -7.18
C HIS H 69 14.07 -18.28 -6.50
N ASN H 70 14.40 -18.47 -5.22
CA ASN H 70 13.87 -19.62 -4.49
C ASN H 70 12.37 -19.49 -4.33
N LEU H 71 11.88 -18.27 -4.03
CA LEU H 71 10.43 -18.09 -3.97
C LEU H 71 10.15 -18.28 -5.45
N GLY H 72 9.08 -18.97 -5.80
CA GLY H 72 8.83 -19.19 -7.21
C GLY H 72 9.19 -20.65 -7.48
N VAL H 73 10.41 -21.04 -7.12
CA VAL H 73 10.80 -22.43 -7.27
C VAL H 73 10.00 -23.20 -6.21
N LEU H 74 9.98 -22.67 -5.00
CA LEU H 74 9.25 -23.29 -3.89
C LEU H 74 7.75 -23.06 -4.02
N THR H 75 7.35 -21.94 -4.62
CA THR H 75 5.94 -21.65 -4.79
C THR H 75 5.31 -22.68 -5.73
N LYS H 76 6.06 -23.08 -6.76
CA LYS H 76 5.58 -24.07 -7.71
C LYS H 76 5.67 -25.46 -7.07
N ARG H 77 6.85 -25.79 -6.55
CA ARG H 77 7.05 -27.08 -5.92
C ARG H 77 6.02 -27.37 -4.82
N SER H 78 5.53 -26.32 -4.18
CA SER H 78 4.54 -26.49 -3.11
C SER H 78 3.16 -26.63 -3.74
N ASN H 79 3.14 -26.74 -5.06
CA ASN H 79 1.88 -26.82 -5.79
C ASN H 79 1.08 -25.56 -5.45
N SER H 80 1.82 -24.47 -5.25
CA SER H 80 1.26 -23.16 -4.97
C SER H 80 0.49 -22.98 -3.67
N THR H 81 1.01 -23.49 -2.55
CA THR H 81 0.34 -23.32 -1.27
C THR H 81 0.59 -21.88 -0.78
N PRO H 82 -0.48 -21.13 -0.50
CA PRO H 82 -0.37 -19.75 -0.02
C PRO H 82 -0.08 -19.70 1.48
N ALA H 83 0.27 -18.52 1.97
CA ALA H 83 0.56 -18.37 3.39
C ALA H 83 -0.71 -18.26 4.24
N THR H 84 -0.65 -18.83 5.44
CA THR H 84 -1.78 -18.79 6.36
C THR H 84 -1.70 -17.59 7.32
N ASN H 85 -2.56 -16.60 7.11
CA ASN H 85 -2.60 -15.41 7.95
C ASN H 85 -2.73 -15.73 9.44
N GLU H 86 -2.07 -14.92 10.27
CA GLU H 86 -2.16 -15.04 11.73
C GLU H 86 -2.68 -13.69 12.21
N ALA H 87 -3.01 -13.60 13.49
CA ALA H 87 -3.48 -12.33 14.04
C ALA H 87 -2.38 -11.84 14.95
N PRO H 88 -1.87 -10.62 14.69
CA PRO H 88 -0.80 -10.03 15.48
C PRO H 88 -1.36 -9.61 16.83
N GLN H 89 -0.48 -9.47 17.80
CA GLN H 89 -0.88 -9.04 19.13
C GLN H 89 0.02 -7.88 19.52
N ALA H 90 -0.60 -6.78 19.94
CA ALA H 90 0.17 -5.62 20.32
C ALA H 90 0.22 -5.40 21.82
N THR H 91 1.33 -4.82 22.27
CA THR H 91 1.54 -4.48 23.66
C THR H 91 2.21 -3.12 23.67
N VAL H 92 1.64 -2.18 24.41
CA VAL H 92 2.19 -0.83 24.48
C VAL H 92 2.81 -0.50 25.84
N PHE H 93 4.05 0.02 25.81
CA PHE H 93 4.76 0.38 27.04
C PHE H 93 5.77 1.52 26.82
N PRO H 94 6.03 2.30 27.88
CA PRO H 94 6.98 3.41 27.79
C PRO H 94 8.41 2.91 27.97
N LYS H 95 9.35 3.48 27.23
CA LYS H 95 10.74 3.08 27.32
C LYS H 95 11.33 3.39 28.70
N SER H 96 10.93 4.52 29.28
CA SER H 96 11.44 4.95 30.57
C SER H 96 10.29 5.26 31.51
N PRO H 97 10.60 5.38 32.81
CA PRO H 97 9.52 5.68 33.77
C PRO H 97 8.89 6.98 33.30
N VAL H 98 7.58 7.08 33.42
CA VAL H 98 6.90 8.28 32.96
C VAL H 98 6.92 9.37 34.02
N LEU H 99 7.37 10.55 33.60
CA LEU H 99 7.47 11.69 34.50
C LEU H 99 7.08 12.92 33.72
N LEU H 100 6.12 13.68 34.24
CA LEU H 100 5.69 14.88 33.54
C LEU H 100 6.89 15.80 33.34
N GLY H 101 6.95 16.43 32.18
CA GLY H 101 8.05 17.32 31.88
C GLY H 101 9.28 16.66 31.28
N GLN H 102 9.30 15.32 31.26
CA GLN H 102 10.45 14.63 30.72
C GLN H 102 10.16 13.81 29.46
N PRO H 103 10.76 14.20 28.32
CA PRO H 103 10.58 13.53 27.04
C PRO H 103 10.80 12.03 27.24
N ASN H 104 10.08 11.21 26.47
CA ASN H 104 10.14 9.77 26.61
C ASN H 104 9.78 9.15 25.26
N THR H 105 9.62 7.84 25.24
CA THR H 105 9.26 7.17 24.00
C THR H 105 8.25 6.08 24.29
N LEU H 106 7.14 6.08 23.55
CA LEU H 106 6.14 5.03 23.73
C LEU H 106 6.52 3.99 22.71
N ILE H 107 6.47 2.73 23.13
CA ILE H 107 6.84 1.62 22.30
C ILE H 107 5.64 0.71 22.04
N CYS H 108 5.49 0.29 20.79
CA CYS H 108 4.42 -0.62 20.42
C CYS H 108 5.08 -1.88 19.89
N PHE H 109 4.95 -2.94 20.67
CA PHE H 109 5.50 -4.24 20.35
C PHE H 109 4.42 -5.13 19.75
N VAL H 110 4.61 -5.54 18.50
CA VAL H 110 3.65 -6.39 17.80
C VAL H 110 4.26 -7.74 17.48
N ASP H 111 3.74 -8.79 18.12
CA ASP H 111 4.24 -10.13 17.93
C ASP H 111 3.29 -10.96 17.07
N ASN H 112 3.73 -12.18 16.74
CA ASN H 112 2.95 -13.12 15.93
C ASN H 112 2.47 -12.49 14.62
N ILE H 113 3.38 -11.81 13.94
CA ILE H 113 3.05 -11.17 12.68
C ILE H 113 3.34 -12.16 11.56
N PHE H 114 2.31 -12.48 10.76
CA PHE H 114 2.50 -13.41 9.65
C PHE H 114 1.32 -13.44 8.69
N PRO H 115 1.56 -13.15 7.41
CA PRO H 115 2.89 -12.82 6.88
C PRO H 115 3.38 -11.40 7.26
N PRO H 116 4.64 -11.06 6.90
CA PRO H 116 5.39 -9.82 7.10
C PRO H 116 4.93 -8.57 6.46
N VAL H 117 3.67 -8.25 6.55
CA VAL H 117 3.16 -7.06 5.90
C VAL H 117 2.30 -6.44 6.96
N ILE H 118 2.47 -5.15 7.24
CA ILE H 118 1.68 -4.58 8.32
C ILE H 118 1.77 -3.06 8.39
N ASN H 119 0.73 -2.44 8.94
CA ASN H 119 0.67 -1.00 9.11
C ASN H 119 0.50 -0.76 10.60
N ILE H 120 1.48 -0.10 11.22
CA ILE H 120 1.40 0.22 12.63
C ILE H 120 1.42 1.72 12.70
N THR H 121 0.41 2.28 13.35
CA THR H 121 0.33 3.73 13.47
C THR H 121 -0.03 4.19 14.87
N TRP H 122 0.10 5.49 15.12
CA TRP H 122 -0.18 6.02 16.43
C TRP H 122 -1.33 7.02 16.49
N LEU H 123 -2.01 7.05 17.63
CA LEU H 123 -3.07 8.00 17.86
C LEU H 123 -2.78 8.70 19.18
N ARG H 124 -2.93 10.03 19.19
CA ARG H 124 -2.73 10.84 20.39
C ARG H 124 -4.08 11.52 20.60
N ASN H 125 -4.75 11.18 21.70
CA ASN H 125 -6.06 11.75 21.99
C ASN H 125 -7.00 11.49 20.82
N SER H 126 -6.99 10.25 20.35
CA SER H 126 -7.84 9.80 19.25
C SER H 126 -7.48 10.29 17.88
N LYS H 127 -6.49 11.16 17.75
CA LYS H 127 -6.12 11.64 16.42
C LYS H 127 -4.81 11.02 15.95
N SER H 128 -4.69 10.86 14.64
CA SER H 128 -3.50 10.28 14.04
C SER H 128 -2.27 11.17 14.25
N VAL H 129 -1.14 10.55 14.57
CA VAL H 129 0.11 11.28 14.80
C VAL H 129 1.08 11.07 13.66
N ALA H 130 1.67 12.16 13.17
CA ALA H 130 2.60 12.10 12.05
C ALA H 130 4.10 12.15 12.42
N ASP H 131 4.47 13.09 13.29
CA ASP H 131 5.87 13.26 13.69
C ASP H 131 6.31 12.47 14.93
N GLY H 132 7.59 12.10 14.96
CA GLY H 132 8.13 11.38 16.10
C GLY H 132 7.88 9.89 16.09
N VAL H 133 7.82 9.33 14.88
CA VAL H 133 7.57 7.91 14.74
C VAL H 133 8.65 7.20 13.96
N TYR H 134 9.16 6.14 14.56
CA TYR H 134 10.22 5.30 14.00
C TYR H 134 9.70 3.86 14.10
N GLU H 135 10.23 3.00 13.25
CA GLU H 135 9.79 1.60 13.22
C GLU H 135 11.02 0.69 12.98
N THR H 136 11.02 -0.51 13.56
CA THR H 136 12.13 -1.45 13.37
C THR H 136 11.82 -2.33 12.16
N SER H 137 12.74 -3.22 11.83
CA SER H 137 12.50 -4.16 10.75
C SER H 137 11.65 -5.30 11.36
N PHE H 138 11.42 -6.36 10.59
CA PHE H 138 10.67 -7.52 11.07
C PHE H 138 11.68 -8.49 11.66
N PHE H 139 11.66 -8.68 12.98
CA PHE H 139 12.58 -9.62 13.61
C PHE H 139 12.04 -11.03 13.48
N VAL H 140 12.93 -12.01 13.43
CA VAL H 140 12.48 -13.39 13.31
C VAL H 140 12.14 -14.02 14.66
N ASN H 141 11.11 -14.85 14.67
CA ASN H 141 10.68 -15.58 15.87
C ASN H 141 11.04 -17.05 15.71
N ARG H 142 10.97 -17.81 16.78
CA ARG H 142 11.33 -19.22 16.68
C ARG H 142 10.34 -20.03 15.82
N ASP H 143 9.08 -19.65 15.82
CA ASP H 143 8.07 -20.36 15.05
C ASP H 143 7.99 -19.84 13.61
N TYR H 144 8.93 -18.98 13.27
CA TYR H 144 9.06 -18.38 11.95
C TYR H 144 8.04 -17.31 11.59
N SER H 145 7.40 -16.77 12.63
CA SER H 145 6.50 -15.65 12.47
C SER H 145 7.41 -14.49 12.87
N PHE H 146 6.89 -13.27 12.88
CA PHE H 146 7.77 -12.15 13.23
C PHE H 146 7.15 -11.15 14.20
N HIS H 147 8.01 -10.31 14.77
CA HIS H 147 7.55 -9.23 15.62
C HIS H 147 8.27 -7.97 15.12
N LYS H 148 7.67 -6.83 15.36
CA LYS H 148 8.23 -5.58 14.92
C LYS H 148 7.89 -4.56 16.00
N LEU H 149 8.69 -3.50 16.12
CA LEU H 149 8.36 -2.49 17.13
C LEU H 149 8.28 -1.10 16.49
N SER H 150 7.34 -0.32 16.99
CA SER H 150 7.18 1.03 16.48
C SER H 150 7.35 1.95 17.68
N TYR H 151 7.88 3.15 17.44
CA TYR H 151 8.11 4.10 18.53
C TYR H 151 7.52 5.48 18.33
N LEU H 152 6.97 6.04 19.40
CA LEU H 152 6.42 7.39 19.34
C LEU H 152 7.04 8.25 20.45
N THR H 153 7.85 9.22 20.07
CA THR H 153 8.43 10.08 21.09
C THR H 153 7.29 10.94 21.63
N PHE H 154 7.32 11.25 22.92
CA PHE H 154 6.28 12.08 23.50
C PHE H 154 6.65 12.74 24.82
N ILE H 155 5.88 13.75 25.19
CA ILE H 155 6.09 14.46 26.44
C ILE H 155 4.91 14.11 27.31
N PRO H 156 5.13 13.39 28.42
CA PRO H 156 4.06 12.99 29.33
C PRO H 156 3.20 14.15 29.84
N SER H 157 1.88 14.00 29.69
CA SER H 157 0.91 15.02 30.13
C SER H 157 -0.27 14.35 30.82
N ASP H 158 -0.97 15.09 31.67
CA ASP H 158 -2.13 14.56 32.36
C ASP H 158 -3.26 14.38 31.35
N ASP H 159 -3.36 15.35 30.46
CA ASP H 159 -4.39 15.39 29.43
C ASP H 159 -4.10 14.60 28.15
N ASP H 160 -3.27 13.57 28.24
CA ASP H 160 -2.95 12.80 27.04
C ASP H 160 -3.14 11.30 27.16
N ILE H 161 -3.73 10.74 26.11
CA ILE H 161 -4.00 9.31 25.99
C ILE H 161 -3.47 8.84 24.65
N TYR H 162 -2.92 7.63 24.59
CA TYR H 162 -2.37 7.15 23.33
C TYR H 162 -2.92 5.82 22.90
N ASP H 163 -2.78 5.54 21.62
CA ASP H 163 -3.26 4.28 21.05
C ASP H 163 -2.35 3.86 19.92
N CYS H 164 -2.01 2.58 19.91
CA CYS H 164 -1.18 1.98 18.88
C CYS H 164 -2.18 1.24 17.99
N LYS H 165 -2.28 1.66 16.73
CA LYS H 165 -3.23 1.03 15.80
C LYS H 165 -2.55 0.02 14.88
N VAL H 166 -3.06 -1.20 14.85
CA VAL H 166 -2.47 -2.24 14.00
C VAL H 166 -3.45 -2.75 12.93
N GLU H 167 -2.96 -2.80 11.69
CA GLU H 167 -3.73 -3.27 10.53
C GLU H 167 -2.97 -4.43 9.89
N HIS H 168 -3.58 -5.61 9.86
CA HIS H 168 -2.98 -6.78 9.28
C HIS H 168 -4.08 -7.62 8.60
N TRP H 169 -3.72 -8.40 7.59
CA TRP H 169 -4.71 -9.22 6.90
C TRP H 169 -5.37 -10.22 7.85
N GLY H 170 -4.57 -10.79 8.75
CA GLY H 170 -5.09 -11.75 9.71
C GLY H 170 -6.05 -11.15 10.72
N LEU H 171 -6.36 -9.87 10.55
CA LEU H 171 -7.28 -9.19 11.45
C LEU H 171 -8.46 -8.62 10.69
N GLU H 172 -9.66 -9.02 11.08
CA GLU H 172 -10.87 -8.56 10.42
C GLU H 172 -11.08 -7.06 10.57
N GLU H 173 -10.64 -6.51 11.70
CA GLU H 173 -10.79 -5.09 11.97
C GLU H 173 -9.52 -4.58 12.64
N PRO H 174 -9.09 -3.36 12.31
CA PRO H 174 -7.89 -2.78 12.92
C PRO H 174 -7.99 -2.76 14.44
N VAL H 175 -6.96 -3.27 15.12
CA VAL H 175 -6.96 -3.29 16.57
C VAL H 175 -6.26 -2.05 17.14
N LEU H 176 -6.74 -1.58 18.28
CA LEU H 176 -6.14 -0.42 18.91
C LEU H 176 -5.65 -0.83 20.28
N LYS H 177 -4.35 -0.74 20.51
CA LYS H 177 -3.83 -1.08 21.83
C LYS H 177 -3.74 0.24 22.58
N HIS H 178 -4.42 0.27 23.73
CA HIS H 178 -4.52 1.46 24.56
C HIS H 178 -3.40 1.64 25.60
N TRP H 179 -3.07 2.89 25.87
CA TRP H 179 -2.08 3.23 26.88
C TRP H 179 -2.27 4.65 27.38
N GLU H 180 -2.25 4.82 28.69
CA GLU H 180 -2.37 6.15 29.28
C GLU H 180 -1.46 6.26 30.50
N PRO H 181 -0.87 7.45 30.72
CA PRO H 181 0.00 7.60 31.89
C PRO H 181 -0.80 7.42 33.18
N GLU H 182 -0.41 6.42 33.97
CA GLU H 182 -1.07 6.13 35.24
C GLU H 182 -0.14 6.47 36.40
N GLY I 1 -1.57 -17.03 -7.39
CA GLY I 1 -2.09 -15.74 -6.95
C GLY I 1 -3.40 -15.38 -7.63
N ASP I 2 -4.46 -16.09 -7.23
CA ASP I 2 -5.76 -15.79 -7.77
C ASP I 2 -6.34 -14.55 -7.05
N SER I 3 -6.37 -14.48 -5.72
CA SER I 3 -7.03 -13.30 -5.16
C SER I 3 -6.37 -12.65 -3.97
N GLU I 4 -5.89 -13.48 -3.06
CA GLU I 4 -5.17 -13.01 -1.88
C GLU I 4 -4.05 -13.99 -1.68
N ARG I 5 -3.89 -14.96 -2.55
CA ARG I 5 -2.84 -15.89 -2.30
C ARG I 5 -1.50 -15.14 -2.17
N HIS I 6 -0.94 -15.16 -0.96
CA HIS I 6 0.32 -14.49 -0.67
C HIS I 6 1.38 -15.55 -0.44
N PHE I 7 2.57 -15.34 -1.01
CA PHE I 7 3.66 -16.31 -0.87
C PHE I 7 4.93 -15.62 -0.36
N VAL I 8 5.80 -16.39 0.30
CA VAL I 8 7.04 -15.83 0.82
C VAL I 8 8.06 -16.94 1.10
N VAL I 9 9.32 -16.57 1.23
CA VAL I 9 10.38 -17.54 1.57
C VAL I 9 11.23 -16.87 2.65
N GLN I 10 11.98 -17.68 3.40
CA GLN I 10 12.82 -17.14 4.46
C GLN I 10 14.15 -17.85 4.61
N PHE I 11 15.25 -17.08 4.60
CA PHE I 11 16.57 -17.66 4.84
C PHE I 11 17.00 -17.12 6.19
N GLN I 12 17.28 -18.02 7.14
CA GLN I 12 17.66 -17.62 8.48
C GLN I 12 18.96 -18.24 8.96
N PRO I 13 20.09 -17.52 8.85
CA PRO I 13 21.36 -18.07 9.29
C PRO I 13 21.57 -17.78 10.76
N PHE I 14 22.15 -18.74 11.47
CA PHE I 14 22.41 -18.59 12.90
C PHE I 14 23.84 -18.99 13.23
N CYS I 15 24.49 -18.21 14.09
CA CYS I 15 25.84 -18.51 14.53
C CYS I 15 25.73 -18.57 16.05
N TYR I 16 25.71 -19.78 16.59
CA TYR I 16 25.60 -19.97 18.03
C TYR I 16 26.97 -20.00 18.70
N PHE I 17 27.28 -18.96 19.46
CA PHE I 17 28.55 -18.85 20.15
C PHE I 17 28.49 -19.27 21.63
N THR I 18 29.48 -20.03 22.06
CA THR I 18 29.55 -20.46 23.46
C THR I 18 30.99 -20.26 23.92
N ASN I 19 31.15 -19.61 25.07
CA ASN I 19 32.46 -19.34 25.63
C ASN I 19 33.38 -18.78 24.53
N GLY I 20 33.12 -17.54 24.13
CA GLY I 20 33.91 -16.91 23.10
C GLY I 20 33.70 -17.59 21.77
N THR I 21 34.80 -17.97 21.12
CA THR I 21 34.71 -18.65 19.84
C THR I 21 35.07 -20.13 19.98
N GLN I 22 35.19 -20.60 21.22
CA GLN I 22 35.51 -22.00 21.46
C GLN I 22 34.47 -22.88 20.79
N ARG I 23 33.29 -22.98 21.38
CA ARG I 23 32.25 -23.79 20.76
C ARG I 23 31.50 -22.89 19.78
N ILE I 24 31.25 -23.40 18.58
CA ILE I 24 30.53 -22.66 17.55
C ILE I 24 29.62 -23.57 16.73
N ARG I 25 28.32 -23.38 16.84
CA ARG I 25 27.40 -24.19 16.05
C ARG I 25 26.78 -23.29 15.00
N TYR I 26 26.86 -23.71 13.75
CA TYR I 26 26.35 -22.92 12.66
C TYR I 26 25.15 -23.57 11.98
N VAL I 27 24.01 -22.89 12.03
CA VAL I 27 22.81 -23.45 11.42
C VAL I 27 22.24 -22.54 10.34
N THR I 28 21.79 -23.16 9.26
CA THR I 28 21.22 -22.46 8.13
C THR I 28 19.82 -23.05 7.89
N ARG I 29 18.79 -22.22 7.95
CA ARG I 29 17.42 -22.70 7.78
C ARG I 29 16.73 -22.15 6.55
N TYR I 30 16.18 -23.06 5.74
CA TYR I 30 15.45 -22.67 4.54
C TYR I 30 13.97 -22.86 4.82
N ILE I 31 13.23 -21.76 4.85
CA ILE I 31 11.80 -21.77 5.14
C ILE I 31 10.98 -21.41 3.91
N TYR I 32 9.86 -22.09 3.69
CA TYR I 32 9.02 -21.77 2.54
C TYR I 32 8.07 -20.66 2.94
N ASN I 33 6.96 -20.99 3.60
CA ASN I 33 6.06 -19.93 4.02
C ASN I 33 6.30 -19.72 5.50
N ARG I 34 5.93 -20.74 6.27
CA ARG I 34 6.07 -20.73 7.71
C ARG I 34 6.71 -22.08 8.01
N GLU I 35 7.09 -22.77 6.94
CA GLU I 35 7.67 -24.11 7.05
C GLU I 35 9.16 -24.21 6.71
N GLU I 36 9.94 -24.77 7.64
CA GLU I 36 11.35 -24.98 7.40
C GLU I 36 11.42 -26.28 6.59
N TYR I 37 11.90 -26.19 5.35
CA TYR I 37 11.97 -27.38 4.49
C TYR I 37 13.36 -27.95 4.29
N LEU I 38 14.39 -27.11 4.38
CA LEU I 38 15.76 -27.58 4.21
C LEU I 38 16.60 -27.02 5.35
N ARG I 39 17.76 -27.62 5.61
CA ARG I 39 18.61 -27.14 6.71
C ARG I 39 20.02 -27.70 6.82
N PHE I 40 20.96 -26.80 7.07
CA PHE I 40 22.34 -27.22 7.27
C PHE I 40 22.65 -27.02 8.76
N ASP I 41 23.34 -27.98 9.35
CA ASP I 41 23.68 -27.89 10.78
C ASP I 41 25.11 -28.35 10.95
N SER I 42 25.99 -27.46 11.40
CA SER I 42 27.39 -27.83 11.59
C SER I 42 27.50 -29.09 12.44
N ASP I 43 26.60 -29.24 13.42
CA ASP I 43 26.62 -30.40 14.30
C ASP I 43 26.34 -31.71 13.55
N VAL I 44 25.52 -31.62 12.51
CA VAL I 44 25.21 -32.79 11.71
C VAL I 44 26.28 -32.88 10.65
N GLY I 45 26.63 -31.73 10.08
CA GLY I 45 27.66 -31.67 9.07
C GLY I 45 27.18 -31.74 7.63
N GLU I 46 25.89 -31.49 7.40
CA GLU I 46 25.38 -31.55 6.04
C GLU I 46 23.92 -31.11 5.90
N TYR I 47 23.55 -30.73 4.68
CA TYR I 47 22.19 -30.31 4.39
C TYR I 47 21.25 -31.50 4.44
N ARG I 48 20.23 -31.42 5.29
CA ARG I 48 19.25 -32.48 5.42
C ARG I 48 17.88 -31.89 5.08
N ALA I 49 17.02 -32.70 4.50
CA ALA I 49 15.69 -32.23 4.17
C ALA I 49 14.88 -32.34 5.46
N VAL I 50 14.32 -31.23 5.89
CA VAL I 50 13.53 -31.19 7.11
C VAL I 50 12.14 -31.79 6.86
N THR I 51 11.59 -31.51 5.69
CA THR I 51 10.28 -32.03 5.32
C THR I 51 10.26 -32.46 3.87
N GLU I 52 9.29 -33.29 3.51
CA GLU I 52 9.16 -33.78 2.14
C GLU I 52 9.43 -32.69 1.11
N LEU I 53 9.04 -31.46 1.43
CA LEU I 53 9.21 -30.33 0.53
C LEU I 53 10.68 -30.01 0.24
N GLY I 54 11.57 -30.45 1.11
CA GLY I 54 12.98 -30.19 0.91
C GLY I 54 13.73 -31.39 0.35
N ARG I 55 13.00 -32.44 0.02
CA ARG I 55 13.61 -33.66 -0.51
C ARG I 55 14.47 -33.40 -1.75
N PRO I 56 13.92 -32.69 -2.75
CA PRO I 56 14.59 -32.34 -4.01
C PRO I 56 15.88 -31.54 -3.92
N ASP I 57 16.13 -30.87 -2.79
CA ASP I 57 17.32 -30.04 -2.65
C ASP I 57 18.49 -30.70 -1.91
N ALA I 58 18.19 -31.58 -0.97
CA ALA I 58 19.23 -32.23 -0.18
C ALA I 58 20.47 -32.60 -1.00
N GLU I 59 20.34 -33.58 -1.88
CA GLU I 59 21.44 -34.04 -2.74
C GLU I 59 22.17 -32.87 -3.40
N TYR I 60 21.47 -32.16 -4.29
CA TYR I 60 22.03 -31.02 -5.02
C TYR I 60 22.80 -30.05 -4.14
N TYR I 61 22.24 -29.68 -2.99
CA TYR I 61 22.89 -28.75 -2.06
C TYR I 61 24.16 -29.34 -1.48
N ASN I 62 24.15 -30.64 -1.24
CA ASN I 62 25.32 -31.30 -0.68
C ASN I 62 26.43 -31.42 -1.72
N LYS I 63 26.06 -31.36 -2.99
CA LYS I 63 27.03 -31.45 -4.08
C LYS I 63 27.68 -30.09 -4.29
N GLN I 64 26.84 -29.12 -4.68
CA GLN I 64 27.25 -27.76 -4.99
C GLN I 64 27.68 -26.85 -3.84
N TYR I 65 27.15 -27.07 -2.65
CA TYR I 65 27.45 -26.16 -1.56
C TYR I 65 28.14 -26.67 -0.30
N LEU I 66 28.00 -27.96 -0.01
CA LEU I 66 28.58 -28.52 1.21
C LEU I 66 29.91 -27.94 1.66
N GLU I 67 30.91 -27.91 0.77
CA GLU I 67 32.22 -27.40 1.17
C GLU I 67 32.22 -25.92 1.54
N ARG I 68 31.40 -25.14 0.85
CA ARG I 68 31.32 -23.70 1.13
C ARG I 68 30.61 -23.38 2.44
N THR I 69 29.41 -23.92 2.64
CA THR I 69 28.66 -23.67 3.85
C THR I 69 29.43 -24.03 5.10
N ARG I 70 30.07 -25.20 5.08
CA ARG I 70 30.85 -25.63 6.25
C ARG I 70 31.86 -24.54 6.60
N ALA I 71 32.53 -24.02 5.58
CA ALA I 71 33.57 -23.01 5.77
C ALA I 71 33.11 -21.72 6.45
N GLU I 72 31.92 -21.26 6.09
CA GLU I 72 31.37 -20.04 6.65
C GLU I 72 31.41 -20.05 8.18
N LEU I 73 31.35 -21.25 8.77
CA LEU I 73 31.39 -21.33 10.23
C LEU I 73 32.63 -20.56 10.70
N ASP I 74 33.64 -20.51 9.83
CA ASP I 74 34.86 -19.80 10.14
C ASP I 74 34.96 -18.44 9.44
N THR I 75 34.73 -18.42 8.12
CA THR I 75 34.83 -17.16 7.37
C THR I 75 33.69 -16.17 7.67
N VAL I 76 32.63 -16.65 8.31
CA VAL I 76 31.52 -15.75 8.65
C VAL I 76 31.35 -15.65 10.15
N CYS I 77 30.95 -16.75 10.79
CA CYS I 77 30.73 -16.77 12.23
C CYS I 77 31.94 -16.37 13.07
N ARG I 78 32.97 -17.20 13.07
CA ARG I 78 34.16 -16.88 13.85
C ARG I 78 34.71 -15.53 13.46
N TYR I 79 34.72 -15.25 12.15
CA TYR I 79 35.23 -13.99 11.63
C TYR I 79 34.46 -12.76 12.11
N ASN I 80 33.14 -12.77 11.88
CA ASN I 80 32.29 -11.65 12.28
C ASN I 80 32.40 -11.40 13.76
N TYR I 81 32.52 -12.47 14.54
CA TYR I 81 32.61 -12.35 15.98
C TYR I 81 33.88 -11.68 16.47
N GLU I 82 35.03 -12.19 16.05
CA GLU I 82 36.30 -11.63 16.51
C GLU I 82 36.58 -10.30 15.83
N GLU I 83 36.10 -10.16 14.60
CA GLU I 83 36.36 -8.95 13.83
C GLU I 83 35.37 -7.78 13.97
N THR I 84 34.08 -8.07 14.06
CA THR I 84 33.11 -6.99 14.15
C THR I 84 32.32 -6.85 15.44
N GLU I 85 32.07 -7.97 16.12
CA GLU I 85 31.31 -7.96 17.37
C GLU I 85 32.12 -7.53 18.59
N VAL I 86 33.32 -8.07 18.72
CA VAL I 86 34.20 -7.75 19.85
C VAL I 86 34.32 -6.25 20.14
N PRO I 87 34.53 -5.42 19.10
CA PRO I 87 34.64 -3.98 19.34
C PRO I 87 33.30 -3.21 19.37
N THR I 88 32.18 -3.90 19.12
CA THR I 88 30.89 -3.20 19.16
C THR I 88 29.87 -3.73 20.18
N SER I 89 29.15 -4.76 19.81
CA SER I 89 28.15 -5.34 20.70
C SER I 89 28.69 -5.95 21.98
N LEU I 90 29.80 -6.68 21.89
CA LEU I 90 30.36 -7.31 23.08
C LEU I 90 30.97 -6.30 24.03
N ARG I 91 31.06 -5.04 23.59
CA ARG I 91 31.64 -3.98 24.42
C ARG I 91 30.59 -2.97 24.88
N ARG I 92 29.33 -3.17 24.48
CA ARG I 92 28.27 -2.26 24.85
C ARG I 92 27.86 -2.41 26.32
N LEU I 93 27.89 -1.29 27.03
CA LEU I 93 27.53 -1.27 28.44
C LEU I 93 26.70 -0.04 28.71
N GLU I 94 25.49 -0.26 29.21
CA GLU I 94 24.59 0.84 29.52
C GLU I 94 24.09 0.59 30.93
N GLN I 95 24.19 1.60 31.76
CA GLN I 95 23.78 1.51 33.15
C GLN I 95 22.31 1.67 33.38
N PRO I 96 21.78 0.84 34.27
CA PRO I 96 20.38 0.83 34.67
C PRO I 96 19.88 2.16 35.22
N ASN I 97 18.69 2.57 34.79
CA ASN I 97 18.07 3.78 35.30
C ASN I 97 17.12 3.20 36.36
N VAL I 98 17.19 3.70 37.58
CA VAL I 98 16.33 3.14 38.62
C VAL I 98 15.42 4.15 39.29
N VAL I 99 14.11 3.99 39.11
CA VAL I 99 13.19 4.89 39.79
C VAL I 99 12.04 4.10 40.42
N ILE I 100 11.59 4.58 41.57
CA ILE I 100 10.50 3.94 42.28
C ILE I 100 9.25 4.81 42.18
N SER I 101 8.12 4.16 41.90
CA SER I 101 6.85 4.85 41.80
C SER I 101 5.80 4.05 42.56
N LEU I 102 4.75 4.75 42.98
CA LEU I 102 3.64 4.16 43.72
C LEU I 102 2.42 4.04 42.79
N SER I 103 1.62 2.99 42.94
CA SER I 103 0.46 2.81 42.06
C SER I 103 -0.94 2.98 42.64
N ARG I 104 -1.08 3.82 43.67
CA ARG I 104 -2.39 4.06 44.29
C ARG I 104 -2.44 5.44 44.97
N THR I 105 -3.15 5.54 46.10
CA THR I 105 -3.27 6.80 46.84
C THR I 105 -2.24 6.92 47.98
N GLU I 106 -1.76 8.13 48.22
CA GLU I 106 -0.77 8.42 49.26
C GLU I 106 -1.36 8.72 50.65
N ALA I 107 -1.47 7.69 51.48
CA ALA I 107 -1.99 7.83 52.84
C ALA I 107 -0.99 7.23 53.82
N LEU I 108 -1.41 7.03 55.07
CA LEU I 108 -0.54 6.45 56.07
C LEU I 108 -0.75 4.94 56.26
N ASN I 109 -1.66 4.36 55.47
CA ASN I 109 -1.95 2.93 55.56
C ASN I 109 -2.96 2.47 54.49
N HIS I 110 -2.48 1.70 53.51
CA HIS I 110 -3.32 1.18 52.42
C HIS I 110 -2.66 0.01 51.68
N HIS I 111 -3.43 -0.68 50.84
CA HIS I 111 -2.93 -1.82 50.06
C HIS I 111 -2.61 -1.35 48.63
N ASN I 112 -1.37 -0.90 48.44
CA ASN I 112 -0.91 -0.38 47.15
C ASN I 112 0.26 -1.17 46.56
N THR I 113 0.93 -0.58 45.58
CA THR I 113 2.04 -1.25 44.93
C THR I 113 3.20 -0.33 44.58
N LEU I 114 4.38 -0.64 45.08
CA LEU I 114 5.54 0.16 44.71
C LEU I 114 6.08 -0.54 43.47
N VAL I 115 6.58 0.23 42.52
CA VAL I 115 7.13 -0.38 41.32
C VAL I 115 8.53 0.12 41.13
N CYS I 116 9.47 -0.80 40.99
CA CYS I 116 10.83 -0.39 40.75
C CYS I 116 11.14 -0.59 39.27
N SER I 117 11.20 0.51 38.52
CA SER I 117 11.50 0.45 37.08
C SER I 117 13.01 0.54 36.86
N VAL I 118 13.57 -0.51 36.27
CA VAL I 118 14.99 -0.59 35.99
C VAL I 118 15.13 -0.63 34.47
N THR I 119 15.36 0.55 33.91
CA THR I 119 15.42 0.76 32.47
C THR I 119 16.74 1.15 31.82
N ASP I 120 16.76 1.01 30.50
CA ASP I 120 17.88 1.38 29.62
C ASP I 120 19.21 0.69 29.81
N PHE I 121 19.19 -0.54 30.29
CA PHE I 121 20.46 -1.20 30.49
C PHE I 121 20.85 -2.19 29.42
N TYR I 122 22.13 -2.56 29.43
CA TYR I 122 22.67 -3.52 28.49
C TYR I 122 24.03 -3.93 29.03
N PRO I 123 24.36 -5.23 28.95
CA PRO I 123 23.54 -6.31 28.39
C PRO I 123 22.43 -6.81 29.33
N ALA I 124 21.87 -7.97 28.99
CA ALA I 124 20.76 -8.57 29.74
C ALA I 124 20.93 -8.85 31.23
N LYS I 125 22.02 -9.52 31.60
CA LYS I 125 22.30 -9.87 33.00
C LYS I 125 21.97 -8.75 33.99
N ILE I 126 21.08 -9.04 34.93
CA ILE I 126 20.69 -8.07 35.95
C ILE I 126 19.96 -8.73 37.12
N LYS I 127 20.03 -8.10 38.28
CA LYS I 127 19.37 -8.60 39.49
C LYS I 127 18.70 -7.43 40.20
N VAL I 128 17.45 -7.60 40.58
CA VAL I 128 16.72 -6.52 41.23
C VAL I 128 16.06 -7.07 42.46
N ARG I 129 16.20 -6.39 43.59
CA ARG I 129 15.60 -6.89 44.82
C ARG I 129 14.97 -5.79 45.66
N TRP I 130 14.01 -6.16 46.50
CA TRP I 130 13.31 -5.21 47.36
C TRP I 130 13.64 -5.38 48.85
N PHE I 131 13.82 -4.27 49.56
CA PHE I 131 14.07 -4.36 51.00
C PHE I 131 13.12 -3.44 51.72
N ARG I 132 12.75 -3.85 52.93
CA ARG I 132 11.84 -3.09 53.81
C ARG I 132 12.63 -2.99 55.12
N ASN I 133 12.99 -1.76 55.49
CA ASN I 133 13.79 -1.52 56.67
C ASN I 133 15.02 -2.41 56.69
N GLY I 134 15.71 -2.47 55.55
CA GLY I 134 16.91 -3.27 55.46
C GLY I 134 16.75 -4.78 55.38
N GLN I 135 15.52 -5.27 55.39
CA GLN I 135 15.27 -6.71 55.29
C GLN I 135 14.70 -7.05 53.91
N GLU I 136 15.14 -8.15 53.31
CA GLU I 136 14.62 -8.46 51.98
C GLU I 136 13.17 -8.93 51.95
N GLU I 137 12.40 -8.35 51.03
CA GLU I 137 11.00 -8.70 50.83
C GLU I 137 10.89 -9.58 49.59
N THR I 138 10.37 -10.79 49.75
CA THR I 138 10.21 -11.64 48.59
C THR I 138 8.76 -12.02 48.34
N VAL I 139 7.94 -11.90 49.37
CA VAL I 139 6.54 -12.30 49.29
C VAL I 139 5.58 -11.55 48.36
N GLY I 140 5.31 -10.28 48.55
CA GLY I 140 4.39 -9.68 47.59
C GLY I 140 5.16 -9.05 46.44
N VAL I 141 6.09 -9.82 45.89
CA VAL I 141 7.00 -9.34 44.87
C VAL I 141 6.96 -10.05 43.54
N SER I 142 6.84 -9.29 42.46
CA SER I 142 6.83 -9.90 41.14
C SER I 142 7.47 -8.97 40.14
N SER I 143 8.29 -9.55 39.27
CA SER I 143 8.93 -8.76 38.25
C SER I 143 8.55 -9.29 36.88
N THR I 144 8.60 -8.40 35.91
CA THR I 144 8.31 -8.79 34.55
C THR I 144 9.49 -9.62 34.09
N GLN I 145 9.38 -10.23 32.91
CA GLN I 145 10.51 -10.95 32.38
C GLN I 145 11.30 -9.83 31.72
N LEU I 146 12.47 -10.14 31.16
CA LEU I 146 13.27 -9.12 30.53
C LEU I 146 12.47 -8.53 29.37
N ILE I 147 12.41 -7.21 29.31
CA ILE I 147 11.68 -6.52 28.26
C ILE I 147 12.71 -5.95 27.29
N ARG I 148 12.63 -6.38 26.03
CA ARG I 148 13.56 -5.92 24.99
C ARG I 148 12.95 -4.68 24.36
N ASN I 149 13.64 -3.56 24.44
CA ASN I 149 13.12 -2.31 23.89
C ASN I 149 13.31 -2.24 22.38
N GLY I 150 14.17 -3.09 21.85
CA GLY I 150 14.42 -3.12 20.42
C GLY I 150 15.38 -2.06 19.95
N ASP I 151 15.85 -1.24 20.88
CA ASP I 151 16.77 -0.15 20.58
C ASP I 151 18.15 -0.42 21.23
N TRP I 152 18.38 -1.68 21.60
CA TRP I 152 19.61 -2.14 22.23
C TRP I 152 19.71 -1.80 23.71
N THR I 153 18.56 -1.83 24.38
CA THR I 153 18.48 -1.64 25.81
C THR I 153 17.35 -2.52 26.31
N PHE I 154 17.32 -2.74 27.62
CA PHE I 154 16.32 -3.57 28.25
C PHE I 154 15.74 -2.81 29.44
N GLN I 155 14.66 -3.34 29.99
CA GLN I 155 14.07 -2.78 31.17
C GLN I 155 13.39 -3.96 31.82
N VAL I 156 13.18 -3.86 33.12
CA VAL I 156 12.52 -4.91 33.87
C VAL I 156 11.79 -4.17 34.96
N LEU I 157 10.55 -4.53 35.23
CA LEU I 157 9.78 -3.85 36.25
C LEU I 157 9.56 -4.81 37.41
N VAL I 158 9.74 -4.34 38.63
CA VAL I 158 9.54 -5.21 39.77
C VAL I 158 8.57 -4.56 40.76
N MET I 159 7.48 -5.26 41.01
CA MET I 159 6.43 -4.75 41.89
C MET I 159 6.46 -5.35 43.29
N LEU I 160 6.02 -4.57 44.25
CA LEU I 160 5.99 -5.01 45.64
C LEU I 160 4.67 -4.59 46.25
N GLU I 161 3.81 -5.55 46.58
CA GLU I 161 2.51 -5.22 47.21
C GLU I 161 2.84 -4.79 48.63
N MET I 162 2.50 -3.57 49.00
CA MET I 162 2.81 -3.13 50.34
C MET I 162 1.78 -2.22 50.99
N THR I 163 2.04 -1.89 52.24
CA THR I 163 1.17 -1.01 53.02
C THR I 163 2.08 0.01 53.71
N PRO I 164 2.21 1.20 53.11
CA PRO I 164 3.06 2.25 53.68
C PRO I 164 2.71 2.53 55.14
N ARG I 165 3.75 2.77 55.95
CA ARG I 165 3.56 3.04 57.36
C ARG I 165 4.53 4.14 57.81
N ARG I 166 4.60 4.38 59.11
CA ARG I 166 5.47 5.42 59.64
C ARG I 166 6.96 5.05 59.61
N GLY I 167 7.78 6.02 59.18
CA GLY I 167 9.22 5.82 59.11
C GLY I 167 9.69 4.52 58.51
N GLU I 168 8.83 3.87 57.74
CA GLU I 168 9.18 2.61 57.10
C GLU I 168 9.92 2.95 55.80
N VAL I 169 11.09 2.36 55.61
CA VAL I 169 11.87 2.65 54.41
C VAL I 169 11.96 1.46 53.45
N TYR I 170 11.54 1.69 52.20
CA TYR I 170 11.60 0.66 51.17
C TYR I 170 12.76 0.96 50.25
N THR I 171 13.46 -0.08 49.82
CA THR I 171 14.63 0.13 48.97
C THR I 171 14.71 -0.83 47.81
N CYS I 172 15.10 -0.30 46.66
CA CYS I 172 15.27 -1.10 45.46
C CYS I 172 16.79 -1.26 45.25
N HIS I 173 17.25 -2.52 45.26
CA HIS I 173 18.67 -2.84 45.11
C HIS I 173 18.90 -3.42 43.72
N VAL I 174 19.81 -2.80 42.95
CA VAL I 174 20.11 -3.24 41.58
C VAL I 174 21.58 -3.49 41.28
N GLU I 175 21.86 -4.69 40.77
CA GLU I 175 23.22 -5.10 40.40
C GLU I 175 23.27 -5.42 38.91
N HIS I 176 24.29 -4.89 38.24
CA HIS I 176 24.41 -5.06 36.80
C HIS I 176 25.89 -4.92 36.39
N PRO I 177 26.34 -5.70 35.40
CA PRO I 177 27.72 -5.67 34.91
C PRO I 177 28.29 -4.29 34.62
N SER I 178 27.42 -3.30 34.41
CA SER I 178 27.93 -1.97 34.10
C SER I 178 28.13 -1.14 35.35
N LEU I 179 27.82 -1.72 36.51
CA LEU I 179 27.96 -1.02 37.77
C LEU I 179 29.09 -1.61 38.60
N LYS I 180 29.86 -0.77 39.26
CA LYS I 180 30.94 -1.28 40.09
C LYS I 180 30.35 -1.58 41.45
N SER I 181 29.37 -0.76 41.82
CA SER I 181 28.66 -0.92 43.08
C SER I 181 27.18 -1.01 42.77
N PRO I 182 26.40 -1.57 43.68
CA PRO I 182 24.96 -1.70 43.45
C PRO I 182 24.25 -0.35 43.55
N ILE I 183 23.21 -0.16 42.73
CA ILE I 183 22.43 1.07 42.83
C ILE I 183 21.35 0.78 43.88
N THR I 184 21.04 1.78 44.69
CA THR I 184 20.01 1.60 45.68
C THR I 184 19.19 2.87 45.74
N VAL I 185 17.88 2.71 45.59
CA VAL I 185 16.99 3.86 45.65
C VAL I 185 16.05 3.61 46.82
N GLU I 186 15.74 4.66 47.56
CA GLU I 186 14.85 4.51 48.72
C GLU I 186 13.56 5.23 48.47
N TRP I 187 12.50 4.74 49.11
CA TRP I 187 11.20 5.36 49.00
C TRP I 187 10.62 5.45 50.40
N ARG I 188 10.18 6.64 50.81
CA ARG I 188 9.58 6.81 52.13
C ARG I 188 8.14 7.27 51.99
N ALA I 189 7.26 6.64 52.75
CA ALA I 189 5.84 6.98 52.74
C ALA I 189 5.66 8.41 53.22
N SER J 1 36.41 -5.04 10.76
CA SER J 1 35.83 -3.90 10.00
C SER J 1 34.83 -4.37 8.92
N ARG J 2 35.30 -5.17 7.96
CA ARG J 2 34.41 -5.67 6.88
C ARG J 2 33.78 -7.02 7.21
N GLY J 3 32.48 -7.02 7.49
CA GLY J 3 31.79 -8.24 7.86
C GLY J 3 31.25 -9.14 6.76
N GLY J 4 31.17 -10.43 7.07
CA GLY J 4 30.69 -11.39 6.10
C GLY J 4 29.24 -11.77 6.33
N ALA J 5 28.65 -12.44 5.35
CA ALA J 5 27.27 -12.88 5.43
C ALA J 5 27.11 -14.33 4.99
N SER J 6 26.24 -15.06 5.69
CA SER J 6 25.97 -16.43 5.31
C SER J 6 25.24 -16.29 3.98
N GLN J 7 25.63 -17.10 3.00
CA GLN J 7 25.02 -17.02 1.68
C GLN J 7 23.76 -17.87 1.49
N TYR J 8 22.72 -17.27 0.95
CA TYR J 8 21.47 -17.93 0.67
C TYR J 8 21.65 -18.67 -0.68
N ARG J 9 21.51 -20.00 -0.65
CA ARG J 9 21.70 -20.87 -1.84
C ARG J 9 20.47 -21.07 -2.74
N PRO J 10 20.67 -21.06 -4.07
CA PRO J 10 19.58 -21.25 -5.03
C PRO J 10 19.21 -22.74 -5.15
N SER J 11 18.25 -23.07 -6.01
CA SER J 11 17.83 -24.47 -6.18
C SER J 11 17.13 -24.74 -7.52
N GLN J 12 17.52 -25.84 -8.17
CA GLN J 12 16.97 -26.25 -9.47
C GLN J 12 16.73 -25.10 -10.43
#